data_4AKK
#
_entry.id   4AKK
#
_cell.length_a   159.230
_cell.length_b   113.100
_cell.length_c   59.350
_cell.angle_alpha   90.00
_cell.angle_beta   109.30
_cell.angle_gamma   90.00
#
_symmetry.space_group_name_H-M   'C 1 2 1'
#
loop_
_entity.id
_entity.type
_entity.pdbx_description
1 polymer 'NITRATE REGULATORY PROTEIN'
2 non-polymer 1,2-ETHANEDIOL
3 water water
#
_entity_poly.entity_id   1
_entity_poly.type   'polypeptide(L)'
_entity_poly.pdbx_seq_one_letter_code
;MRGSHHHHHHTDPHASSVPGRGSIEGRMNNMAGNTPEVVDWFARARRLQKQQLHQLAQQGTLAGQISALVHMLQCERGAS
NIWLCSGGRLYAAECRAGAALVDEQLTRFYAALEPARDAASSALCWRIACAVWYLPQLAALRKRVRDREIAAEEATGQFS
RIIRHLLNIVPQLNDSIDDPQIAGRMVALYSFMQGKELAGQERALGALGFARGQFSDELRQQLVDRIDGQQPCFDSFQAL
AQPPQTALFAEQCQASLEIEQLRRVACTRQPPADEGETALRWFCAQTQRLEQLRGVEELLIVDLLNAADALLEGEEPEAQ
LPPADWQEDSIALRLDKQLLPLVRQQAHELQQLSGQLASLKDALEERKLIEKAKSVLMTYQGMQEEQAWQALRKMAMDKN
QRMVEIARALLTVKALWRVTPKE
;
_entity_poly.pdbx_strand_id   A,B
#
loop_
_chem_comp.id
_chem_comp.type
_chem_comp.name
_chem_comp.formula
EDO non-polymer 1,2-ETHANEDIOL 'C2 H6 O2'
#
# COMPACT_ATOMS: atom_id res chain seq x y z
N PRO A 36 -2.53 -30.28 -15.11
CA PRO A 36 -3.12 -31.34 -14.29
C PRO A 36 -3.62 -30.79 -12.95
N GLU A 37 -2.76 -30.77 -11.94
CA GLU A 37 -3.09 -30.10 -10.70
C GLU A 37 -3.22 -28.61 -10.99
N VAL A 38 -2.34 -28.11 -11.84
CA VAL A 38 -2.38 -26.71 -12.28
C VAL A 38 -3.77 -26.33 -12.74
N VAL A 39 -4.27 -27.05 -13.74
CA VAL A 39 -5.59 -26.78 -14.27
C VAL A 39 -6.66 -26.93 -13.20
N ASP A 40 -6.43 -27.85 -12.26
CA ASP A 40 -7.34 -28.03 -11.14
C ASP A 40 -7.51 -26.77 -10.28
N TRP A 41 -6.41 -26.05 -10.03
CA TRP A 41 -6.49 -24.84 -9.22
C TRP A 41 -7.14 -23.70 -10.01
N PHE A 42 -6.75 -23.56 -11.27
CA PHE A 42 -7.37 -22.58 -12.16
C PHE A 42 -8.85 -22.87 -12.35
N ALA A 43 -9.21 -24.15 -12.37
CA ALA A 43 -10.61 -24.53 -12.53
C ALA A 43 -11.44 -24.12 -11.33
N ARG A 44 -10.89 -24.29 -10.13
CA ARG A 44 -11.62 -23.89 -8.93
C ARG A 44 -11.74 -22.37 -8.83
N ALA A 45 -10.69 -21.66 -9.20
CA ALA A 45 -10.73 -20.20 -9.20
C ALA A 45 -11.85 -19.70 -10.10
N ARG A 46 -11.83 -20.12 -11.36
CA ARG A 46 -12.84 -19.70 -12.32
C ARG A 46 -14.22 -20.03 -11.81
N ARG A 47 -14.37 -21.23 -11.25
CA ARG A 47 -15.64 -21.65 -10.71
C ARG A 47 -16.10 -20.75 -9.55
N LEU A 48 -15.18 -20.39 -8.67
CA LEU A 48 -15.52 -19.49 -7.57
C LEU A 48 -15.89 -18.11 -8.08
N GLN A 49 -15.14 -17.62 -9.05
CA GLN A 49 -15.42 -16.33 -9.64
C GLN A 49 -16.80 -16.31 -10.29
N LYS A 50 -17.12 -17.37 -11.02
CA LYS A 50 -18.44 -17.53 -11.64
C LYS A 50 -19.54 -17.39 -10.61
N GLN A 51 -19.35 -18.03 -9.46
CA GLN A 51 -20.32 -17.98 -8.37
C GLN A 51 -20.47 -16.55 -7.84
N GLN A 52 -19.35 -15.84 -7.76
CA GLN A 52 -19.34 -14.46 -7.28
C GLN A 52 -20.14 -13.50 -8.17
N LEU A 53 -20.35 -13.87 -9.43
CA LEU A 53 -21.14 -13.03 -10.35
C LEU A 53 -22.50 -12.70 -9.75
N HIS A 54 -22.98 -13.56 -8.86
CA HIS A 54 -24.32 -13.43 -8.30
C HIS A 54 -24.42 -12.37 -7.21
N GLN A 55 -23.27 -11.94 -6.69
CA GLN A 55 -23.23 -10.90 -5.67
C GLN A 55 -23.07 -9.50 -6.28
N LEU A 56 -22.72 -9.46 -7.56
CA LEU A 56 -22.44 -8.21 -8.25
C LEU A 56 -23.53 -7.15 -8.15
N ALA A 57 -24.77 -7.57 -8.30
CA ALA A 57 -25.87 -6.61 -8.32
C ALA A 57 -26.02 -5.91 -6.97
N GLN A 58 -25.93 -6.67 -5.89
CA GLN A 58 -26.10 -6.10 -4.56
C GLN A 58 -24.87 -5.28 -4.15
N GLN A 59 -23.69 -5.74 -4.56
CA GLN A 59 -22.47 -4.99 -4.27
C GLN A 59 -22.50 -3.65 -5.00
N GLY A 60 -22.87 -3.69 -6.28
CA GLY A 60 -22.96 -2.46 -7.07
C GLY A 60 -24.01 -1.51 -6.54
N THR A 61 -25.14 -2.06 -6.12
CA THR A 61 -26.23 -1.25 -5.58
C THR A 61 -25.82 -0.60 -4.27
N LEU A 62 -25.25 -1.39 -3.37
CA LEU A 62 -24.79 -0.88 -2.09
C LEU A 62 -23.81 0.28 -2.29
N ALA A 63 -22.87 0.11 -3.22
CA ALA A 63 -21.93 1.18 -3.54
C ALA A 63 -22.65 2.45 -4.00
N GLY A 64 -23.67 2.28 -4.84
CA GLY A 64 -24.45 3.40 -5.32
C GLY A 64 -25.24 4.10 -4.24
N GLN A 65 -25.84 3.34 -3.33
CA GLN A 65 -26.57 3.91 -2.20
C GLN A 65 -25.64 4.60 -1.21
N ILE A 66 -24.42 4.09 -1.05
CA ILE A 66 -23.46 4.74 -0.17
C ILE A 66 -23.10 6.09 -0.77
N SER A 67 -22.82 6.10 -2.07
CA SER A 67 -22.50 7.32 -2.78
C SER A 67 -23.58 8.39 -2.62
N ALA A 68 -24.84 7.97 -2.75
CA ALA A 68 -25.96 8.90 -2.69
C ALA A 68 -26.14 9.45 -1.29
N LEU A 69 -26.04 8.57 -0.29
CA LEU A 69 -26.14 8.99 1.10
C LEU A 69 -25.02 9.97 1.45
N VAL A 70 -23.81 9.67 1.01
CA VAL A 70 -22.66 10.52 1.29
C VAL A 70 -22.91 11.88 0.65
N HIS A 71 -23.48 11.89 -0.54
CA HIS A 71 -23.72 13.15 -1.23
C HIS A 71 -24.72 14.03 -0.47
N MET A 72 -25.83 13.43 -0.05
CA MET A 72 -26.82 14.17 0.74
C MET A 72 -26.22 14.67 2.06
N LEU A 73 -25.41 13.84 2.70
CA LEU A 73 -24.74 14.24 3.95
C LEU A 73 -23.79 15.41 3.70
N GLN A 74 -23.14 15.42 2.55
CA GLN A 74 -22.30 16.55 2.14
C GLN A 74 -23.13 17.83 1.94
N CYS A 75 -24.33 17.69 1.39
CA CYS A 75 -25.24 18.82 1.26
C CYS A 75 -25.66 19.32 2.63
N GLU A 76 -26.05 18.40 3.50
CA GLU A 76 -26.43 18.77 4.86
C GLU A 76 -25.25 19.43 5.60
N ARG A 77 -24.05 18.88 5.44
CA ARG A 77 -22.89 19.47 6.09
C ARG A 77 -22.75 20.95 5.70
N GLY A 78 -22.77 21.21 4.40
CA GLY A 78 -22.60 22.56 3.89
C GLY A 78 -23.70 23.52 4.31
N ALA A 79 -24.95 23.06 4.29
CA ALA A 79 -26.05 23.89 4.74
C ALA A 79 -25.91 24.23 6.24
N SER A 80 -25.66 23.22 7.06
CA SER A 80 -25.46 23.43 8.50
C SER A 80 -24.33 24.44 8.72
N ASN A 81 -23.29 24.37 7.90
CA ASN A 81 -22.15 25.25 8.05
C ASN A 81 -22.51 26.73 7.85
N ILE A 82 -23.34 27.01 6.84
CA ILE A 82 -23.73 28.39 6.53
C ILE A 82 -24.73 28.91 7.56
N TRP A 83 -25.67 28.06 7.92
CA TRP A 83 -26.56 28.33 9.04
C TRP A 83 -25.77 28.77 10.27
N LEU A 84 -24.77 27.99 10.67
CA LEU A 84 -24.00 28.30 11.88
C LEU A 84 -23.10 29.54 11.75
N CYS A 85 -22.35 29.62 10.65
CA CYS A 85 -21.45 30.77 10.41
C CYS A 85 -22.19 32.09 10.20
N SER A 86 -23.45 32.02 9.77
CA SER A 86 -24.26 33.22 9.58
C SER A 86 -25.10 33.54 10.81
N GLY A 87 -24.82 32.83 11.91
CA GLY A 87 -25.54 33.06 13.15
C GLY A 87 -27.04 32.84 13.06
N GLY A 88 -27.45 31.82 12.31
CA GLY A 88 -28.87 31.52 12.19
C GLY A 88 -29.63 32.50 11.29
N ARG A 89 -28.95 33.03 10.28
CA ARG A 89 -29.59 33.94 9.32
C ARG A 89 -29.92 33.29 7.97
N LEU A 90 -29.03 32.42 7.51
CA LEU A 90 -29.16 31.85 6.17
C LEU A 90 -29.21 30.34 6.18
N TYR A 91 -29.92 29.79 5.20
CA TYR A 91 -29.87 28.36 4.85
C TYR A 91 -30.69 27.42 5.70
N ALA A 92 -31.61 27.97 6.50
CA ALA A 92 -32.53 27.16 7.28
C ALA A 92 -33.33 26.21 6.38
N ALA A 93 -33.81 26.72 5.26
CA ALA A 93 -34.59 25.92 4.30
C ALA A 93 -33.77 24.78 3.73
N GLU A 94 -32.52 25.08 3.37
CA GLU A 94 -31.60 24.08 2.86
C GLU A 94 -31.27 23.02 3.91
N CYS A 95 -31.04 23.44 5.15
CA CYS A 95 -30.80 22.48 6.22
C CYS A 95 -31.96 21.51 6.36
N ARG A 96 -33.18 22.04 6.27
CA ARG A 96 -34.36 21.24 6.51
C ARG A 96 -34.55 20.28 5.37
N ALA A 97 -34.42 20.80 4.16
CA ALA A 97 -34.52 19.98 2.96
C ALA A 97 -33.42 18.93 2.91
N GLY A 98 -32.19 19.35 3.23
CA GLY A 98 -31.06 18.44 3.21
C GLY A 98 -31.25 17.27 4.15
N ALA A 99 -31.74 17.55 5.35
CA ALA A 99 -31.98 16.51 6.34
C ALA A 99 -33.04 15.52 5.87
N ALA A 100 -34.05 16.02 5.15
CA ALA A 100 -35.11 15.17 4.61
C ALA A 100 -34.56 14.23 3.55
N LEU A 101 -33.70 14.75 2.68
CA LEU A 101 -33.06 13.96 1.64
C LEU A 101 -32.16 12.87 2.21
N VAL A 102 -31.42 13.22 3.25
CA VAL A 102 -30.57 12.26 3.93
C VAL A 102 -31.41 11.11 4.50
N ASP A 103 -32.50 11.46 5.17
CA ASP A 103 -33.36 10.46 5.78
C ASP A 103 -33.94 9.52 4.72
N GLU A 104 -34.28 10.10 3.58
CA GLU A 104 -34.74 9.33 2.43
C GLU A 104 -33.67 8.37 1.92
N GLN A 105 -32.43 8.83 1.85
CA GLN A 105 -31.34 7.95 1.40
C GLN A 105 -30.96 6.91 2.46
N LEU A 106 -31.09 7.25 3.74
CA LEU A 106 -30.78 6.32 4.82
C LEU A 106 -31.63 5.06 4.69
N THR A 107 -32.91 5.27 4.42
CA THR A 107 -33.84 4.18 4.16
C THR A 107 -33.35 3.29 3.04
N ARG A 108 -32.98 3.89 1.91
CA ARG A 108 -32.47 3.13 0.78
C ARG A 108 -31.16 2.43 1.13
N PHE A 109 -30.30 3.10 1.90
CA PHE A 109 -29.02 2.52 2.33
C PHE A 109 -29.24 1.30 3.21
N TYR A 110 -30.15 1.44 4.18
CA TYR A 110 -30.45 0.35 5.11
C TYR A 110 -31.05 -0.84 4.35
N ALA A 111 -31.84 -0.54 3.31
CA ALA A 111 -32.41 -1.57 2.46
C ALA A 111 -31.32 -2.32 1.68
N ALA A 112 -30.41 -1.56 1.06
CA ALA A 112 -29.32 -2.16 0.31
C ALA A 112 -28.40 -3.01 1.20
N LEU A 113 -28.47 -2.84 2.51
CA LEU A 113 -27.65 -3.66 3.41
C LEU A 113 -28.17 -5.10 3.59
N GLU A 114 -29.47 -5.32 3.41
CA GLU A 114 -30.09 -6.63 3.65
C GLU A 114 -29.44 -7.73 2.83
N PRO A 115 -29.36 -7.54 1.51
CA PRO A 115 -28.71 -8.54 0.66
C PRO A 115 -27.22 -8.68 0.97
N ALA A 116 -26.56 -7.60 1.40
CA ALA A 116 -25.13 -7.65 1.66
C ALA A 116 -24.80 -8.59 2.81
N ARG A 117 -25.72 -8.66 3.78
CA ARG A 117 -25.57 -9.51 4.95
C ARG A 117 -25.14 -10.95 4.64
N ASP A 118 -25.77 -11.54 3.64
CA ASP A 118 -25.57 -12.95 3.33
C ASP A 118 -24.18 -13.25 2.78
N ALA A 119 -23.51 -12.24 2.25
CA ALA A 119 -22.23 -12.46 1.58
C ALA A 119 -21.07 -11.70 2.25
N ALA A 120 -21.30 -11.12 3.41
CA ALA A 120 -20.34 -10.21 4.01
C ALA A 120 -19.23 -10.91 4.79
N SER A 121 -17.97 -10.64 4.42
CA SER A 121 -16.83 -11.08 5.19
C SER A 121 -16.84 -10.42 6.56
N SER A 122 -16.07 -10.98 7.48
CA SER A 122 -15.94 -10.43 8.81
C SER A 122 -15.50 -8.97 8.79
N ALA A 123 -14.53 -8.64 7.95
CA ALA A 123 -14.05 -7.26 7.87
C ALA A 123 -15.15 -6.31 7.33
N LEU A 124 -15.92 -6.76 6.34
CA LEU A 124 -17.02 -5.94 5.82
C LEU A 124 -18.08 -5.69 6.89
N CYS A 125 -18.39 -6.74 7.65
CA CYS A 125 -19.28 -6.58 8.80
C CYS A 125 -18.79 -5.49 9.75
N TRP A 126 -17.50 -5.48 10.05
CA TRP A 126 -16.95 -4.47 10.96
C TRP A 126 -17.09 -3.06 10.37
N ARG A 127 -16.81 -2.90 9.09
CA ARG A 127 -16.92 -1.60 8.44
C ARG A 127 -18.36 -1.11 8.52
N ILE A 128 -19.29 -1.99 8.17
CA ILE A 128 -20.70 -1.68 8.19
C ILE A 128 -21.19 -1.35 9.61
N ALA A 129 -20.78 -2.15 10.59
CA ALA A 129 -21.17 -1.86 11.98
C ALA A 129 -20.72 -0.47 12.40
N CYS A 130 -19.48 -0.13 12.05
CA CYS A 130 -18.91 1.16 12.39
C CYS A 130 -19.73 2.29 11.79
N ALA A 131 -19.98 2.22 10.49
CA ALA A 131 -20.79 3.23 9.79
C ALA A 131 -22.21 3.33 10.34
N VAL A 132 -22.84 2.19 10.59
CA VAL A 132 -24.19 2.17 11.16
C VAL A 132 -24.24 2.62 12.62
N TRP A 133 -23.11 2.52 13.32
CA TRP A 133 -23.04 2.96 14.72
C TRP A 133 -23.22 4.47 14.86
N TYR A 134 -22.63 5.22 13.94
CA TYR A 134 -22.70 6.68 13.98
C TYR A 134 -23.99 7.27 13.40
N LEU A 135 -24.64 6.54 12.50
CA LEU A 135 -25.81 7.09 11.82
C LEU A 135 -26.92 7.62 12.74
N PRO A 136 -27.25 6.87 13.82
CA PRO A 136 -28.32 7.33 14.70
C PRO A 136 -27.99 8.60 15.47
N GLN A 137 -26.75 9.08 15.37
CA GLN A 137 -26.35 10.28 16.09
C GLN A 137 -26.74 11.54 15.33
N LEU A 138 -27.22 11.35 14.09
CA LEU A 138 -27.68 12.47 13.29
C LEU A 138 -28.76 13.31 13.96
N ALA A 139 -29.69 12.66 14.66
CA ALA A 139 -30.76 13.39 15.32
C ALA A 139 -30.22 14.39 16.35
N ALA A 140 -29.33 13.92 17.22
CA ALA A 140 -28.73 14.79 18.24
C ALA A 140 -27.95 15.95 17.61
N LEU A 141 -27.17 15.63 16.58
CA LEU A 141 -26.37 16.63 15.89
C LEU A 141 -27.24 17.73 15.29
N ARG A 142 -28.33 17.33 14.64
CA ARG A 142 -29.22 18.29 14.01
C ARG A 142 -29.85 19.25 15.01
N LYS A 143 -30.29 18.71 16.14
CA LYS A 143 -30.87 19.56 17.19
C LYS A 143 -29.87 20.63 17.61
N ARG A 144 -28.62 20.23 17.84
CA ARG A 144 -27.61 21.21 18.22
C ARG A 144 -27.38 22.20 17.09
N VAL A 145 -27.40 21.72 15.86
CA VAL A 145 -27.23 22.62 14.73
C VAL A 145 -28.37 23.65 14.72
N ARG A 146 -29.61 23.18 14.85
CA ARG A 146 -30.75 24.10 14.89
C ARG A 146 -30.63 25.12 16.02
N ASP A 147 -30.39 24.62 17.23
CA ASP A 147 -30.28 25.46 18.41
C ASP A 147 -28.98 26.26 18.39
N ARG A 148 -28.15 26.00 17.39
CA ARG A 148 -26.84 26.65 17.30
C ARG A 148 -26.04 26.47 18.59
N GLU A 149 -26.18 25.29 19.21
CA GLU A 149 -25.43 24.96 20.43
C GLU A 149 -24.23 24.09 20.09
N ILE A 150 -23.58 24.41 18.98
CA ILE A 150 -22.40 23.69 18.53
C ILE A 150 -21.69 24.62 17.57
N ALA A 151 -20.36 24.53 17.50
CA ALA A 151 -19.61 25.39 16.58
C ALA A 151 -19.60 24.79 15.17
N ALA A 152 -19.43 25.65 14.17
CA ALA A 152 -19.39 25.18 12.78
C ALA A 152 -18.32 24.10 12.54
N GLU A 153 -17.12 24.30 13.07
CA GLU A 153 -16.05 23.28 12.95
C GLU A 153 -16.44 21.96 13.59
N GLU A 154 -17.11 22.01 14.75
CA GLU A 154 -17.55 20.80 15.43
C GLU A 154 -18.64 20.05 14.64
N ALA A 155 -19.64 20.78 14.16
CA ALA A 155 -20.68 20.20 13.32
C ALA A 155 -20.10 19.63 12.02
N THR A 156 -19.18 20.38 11.43
CA THR A 156 -18.46 19.95 10.24
C THR A 156 -17.70 18.64 10.46
N GLY A 157 -16.99 18.55 11.58
CA GLY A 157 -16.25 17.35 11.93
C GLY A 157 -17.12 16.12 12.14
N GLN A 158 -18.27 16.30 12.77
CA GLN A 158 -19.16 15.16 13.02
C GLN A 158 -19.82 14.63 11.74
N PHE A 159 -20.25 15.53 10.86
CA PHE A 159 -20.72 15.11 9.54
C PHE A 159 -19.60 14.37 8.81
N SER A 160 -18.39 14.95 8.83
CA SER A 160 -17.26 14.37 8.13
C SER A 160 -16.96 12.96 8.62
N ARG A 161 -17.14 12.73 9.92
CA ARG A 161 -16.85 11.42 10.51
C ARG A 161 -17.87 10.35 10.07
N ILE A 162 -19.15 10.71 10.03
CA ILE A 162 -20.17 9.81 9.51
C ILE A 162 -19.84 9.45 8.06
N ILE A 163 -19.48 10.47 7.29
CA ILE A 163 -19.13 10.30 5.89
C ILE A 163 -17.93 9.38 5.66
N ARG A 164 -16.89 9.54 6.48
CA ARG A 164 -15.68 8.74 6.33
C ARG A 164 -15.90 7.24 6.57
N HIS A 165 -16.70 6.91 7.57
CA HIS A 165 -17.02 5.50 7.84
C HIS A 165 -17.90 4.89 6.77
N LEU A 166 -18.74 5.70 6.14
CA LEU A 166 -19.58 5.22 5.05
C LEU A 166 -18.70 4.91 3.86
N LEU A 167 -17.79 5.82 3.55
CA LEU A 167 -16.84 5.66 2.46
C LEU A 167 -15.90 4.47 2.66
N ASN A 168 -15.51 4.21 3.89
CA ASN A 168 -14.62 3.09 4.21
C ASN A 168 -15.27 1.75 3.92
N ILE A 169 -16.59 1.72 3.75
CA ILE A 169 -17.22 0.46 3.36
C ILE A 169 -16.80 0.06 1.94
N VAL A 170 -16.64 1.04 1.08
CA VAL A 170 -16.47 0.79 -0.36
C VAL A 170 -15.26 -0.07 -0.75
N PRO A 171 -14.04 0.31 -0.32
CA PRO A 171 -12.86 -0.49 -0.64
C PRO A 171 -12.97 -1.90 -0.06
N GLN A 172 -13.64 -2.02 1.07
CA GLN A 172 -13.83 -3.32 1.69
C GLN A 172 -14.71 -4.19 0.81
N LEU A 173 -15.61 -3.54 0.07
CA LEU A 173 -16.47 -4.24 -0.88
C LEU A 173 -15.67 -5.09 -1.88
N ASN A 174 -14.46 -4.65 -2.22
CA ASN A 174 -13.59 -5.41 -3.12
C ASN A 174 -13.05 -6.75 -2.58
N ASP A 175 -13.02 -6.92 -1.27
CA ASP A 175 -12.50 -8.16 -0.68
C ASP A 175 -13.38 -9.36 -1.02
N SER A 176 -14.51 -9.11 -1.68
CA SER A 176 -15.40 -10.19 -2.10
C SER A 176 -15.78 -10.03 -3.55
N ILE A 177 -14.98 -9.27 -4.28
CA ILE A 177 -15.17 -9.09 -5.71
C ILE A 177 -14.00 -9.69 -6.48
N ASP A 178 -14.25 -10.81 -7.16
CA ASP A 178 -13.21 -11.50 -7.92
C ASP A 178 -13.00 -10.91 -9.32
N ASP A 179 -14.06 -10.39 -9.93
CA ASP A 179 -13.92 -9.83 -11.27
C ASP A 179 -12.98 -8.63 -11.35
N PRO A 180 -11.96 -8.72 -12.21
CA PRO A 180 -10.95 -7.66 -12.38
C PRO A 180 -11.54 -6.33 -12.86
N GLN A 181 -12.44 -6.37 -13.85
CA GLN A 181 -13.02 -5.14 -14.38
C GLN A 181 -13.87 -4.41 -13.35
N ILE A 182 -14.69 -5.17 -12.63
CA ILE A 182 -15.53 -4.57 -11.61
C ILE A 182 -14.69 -4.01 -10.47
N ALA A 183 -13.74 -4.80 -10.00
CA ALA A 183 -12.89 -4.36 -8.89
C ALA A 183 -12.18 -3.08 -9.28
N GLY A 184 -11.68 -3.02 -10.51
CA GLY A 184 -11.06 -1.82 -11.06
C GLY A 184 -12.02 -0.63 -11.07
N ARG A 185 -13.28 -0.88 -11.40
CA ARG A 185 -14.31 0.17 -11.41
C ARG A 185 -14.65 0.66 -10.01
N MET A 186 -14.66 -0.27 -9.05
CA MET A 186 -14.95 0.09 -7.67
C MET A 186 -13.87 1.00 -7.10
N VAL A 187 -12.61 0.69 -7.40
CA VAL A 187 -11.52 1.51 -6.91
C VAL A 187 -11.52 2.91 -7.56
N ALA A 188 -11.76 2.95 -8.87
CA ALA A 188 -11.88 4.23 -9.58
C ALA A 188 -12.98 5.09 -8.97
N LEU A 189 -14.13 4.47 -8.70
CA LEU A 189 -15.25 5.16 -8.06
C LEU A 189 -14.89 5.66 -6.65
N TYR A 190 -14.33 4.77 -5.84
CA TYR A 190 -13.92 5.12 -4.49
C TYR A 190 -12.93 6.29 -4.54
N SER A 191 -11.96 6.20 -5.46
CA SER A 191 -10.99 7.27 -5.60
C SER A 191 -11.71 8.58 -5.85
N PHE A 192 -12.68 8.54 -6.76
CA PHE A 192 -13.42 9.73 -7.12
C PHE A 192 -14.25 10.23 -5.94
N MET A 193 -14.94 9.31 -5.27
CA MET A 193 -15.79 9.67 -4.14
C MET A 193 -14.95 10.34 -3.06
N GLN A 194 -13.74 9.83 -2.88
CA GLN A 194 -12.84 10.33 -1.86
C GLN A 194 -12.29 11.70 -2.21
N GLY A 195 -11.93 11.92 -3.47
CA GLY A 195 -11.50 13.24 -3.89
C GLY A 195 -12.60 14.28 -3.68
N LYS A 196 -13.84 13.86 -3.95
CA LYS A 196 -15.02 14.72 -3.87
C LYS A 196 -15.31 15.03 -2.42
N GLU A 197 -15.10 14.06 -1.54
CA GLU A 197 -15.28 14.30 -0.10
C GLU A 197 -14.29 15.36 0.40
N LEU A 198 -13.05 15.25 -0.03
CA LEU A 198 -12.01 16.16 0.37
C LEU A 198 -12.23 17.54 -0.23
N ALA A 199 -12.82 17.58 -1.43
CA ALA A 199 -13.24 18.86 -2.02
C ALA A 199 -14.32 19.50 -1.12
N GLY A 200 -15.26 18.67 -0.66
CA GLY A 200 -16.26 19.10 0.31
C GLY A 200 -15.67 19.62 1.62
N GLN A 201 -14.62 18.96 2.13
CA GLN A 201 -13.93 19.48 3.30
C GLN A 201 -13.20 20.78 3.02
N GLU A 202 -12.61 20.90 1.83
CA GLU A 202 -12.08 22.20 1.36
C GLU A 202 -13.13 23.32 1.42
N ARG A 203 -14.35 23.02 0.98
CA ARG A 203 -15.40 24.04 1.00
C ARG A 203 -15.64 24.50 2.44
N ALA A 204 -15.85 23.54 3.33
CA ALA A 204 -16.12 23.83 4.75
C ALA A 204 -15.00 24.61 5.44
N LEU A 205 -13.77 24.20 5.22
CA LEU A 205 -12.65 24.88 5.88
C LEU A 205 -12.48 26.30 5.35
N GLY A 206 -12.57 26.46 4.03
CA GLY A 206 -12.41 27.77 3.43
C GLY A 206 -13.49 28.73 3.87
N ALA A 207 -14.72 28.23 4.00
CA ALA A 207 -15.86 29.06 4.37
C ALA A 207 -15.72 29.55 5.81
N LEU A 208 -15.30 28.65 6.68
CA LEU A 208 -14.99 29.01 8.05
C LEU A 208 -13.97 30.17 8.08
N GLY A 209 -12.85 29.99 7.39
CA GLY A 209 -11.83 31.01 7.35
C GLY A 209 -12.32 32.34 6.81
N PHE A 210 -13.07 32.31 5.71
CA PHE A 210 -13.57 33.54 5.11
C PHE A 210 -14.67 34.17 5.94
N ALA A 211 -15.43 33.34 6.66
CA ALA A 211 -16.48 33.86 7.51
C ALA A 211 -15.87 34.58 8.72
N ARG A 212 -14.75 34.09 9.22
CA ARG A 212 -14.05 34.70 10.34
C ARG A 212 -13.31 35.96 9.93
N GLY A 213 -12.95 36.05 8.66
CA GLY A 213 -12.09 37.12 8.20
C GLY A 213 -10.62 36.83 8.49
N GLN A 214 -10.33 35.58 8.86
CA GLN A 214 -8.95 35.15 9.08
C GLN A 214 -8.77 33.64 9.02
N PHE A 215 -7.63 33.23 8.47
CA PHE A 215 -7.18 31.85 8.52
C PHE A 215 -6.01 31.74 9.49
N SER A 216 -6.19 31.04 10.60
CA SER A 216 -5.07 30.74 11.48
C SER A 216 -4.07 29.87 10.72
N ASP A 217 -2.84 29.79 11.23
CA ASP A 217 -1.84 28.90 10.65
C ASP A 217 -2.37 27.48 10.63
N GLU A 218 -3.16 27.15 11.64
CA GLU A 218 -3.78 25.84 11.79
C GLU A 218 -4.83 25.56 10.69
N LEU A 219 -5.81 26.44 10.58
CA LEU A 219 -6.87 26.30 9.59
C LEU A 219 -6.29 26.27 8.18
N ARG A 220 -5.33 27.16 7.94
CA ARG A 220 -4.64 27.18 6.67
C ARG A 220 -3.94 25.84 6.33
N GLN A 221 -3.31 25.20 7.32
CA GLN A 221 -2.64 23.93 7.04
C GLN A 221 -3.68 22.86 6.71
N GLN A 222 -4.76 22.81 7.48
CA GLN A 222 -5.84 21.87 7.23
C GLN A 222 -6.45 22.08 5.84
N LEU A 223 -6.56 23.34 5.43
CA LEU A 223 -7.15 23.63 4.13
C LEU A 223 -6.22 23.12 3.05
N VAL A 224 -4.97 23.55 3.12
CA VAL A 224 -3.95 23.08 2.21
C VAL A 224 -3.94 21.55 2.13
N ASP A 225 -4.07 20.89 3.27
CA ASP A 225 -3.98 19.43 3.32
C ASP A 225 -5.17 18.80 2.58
N ARG A 226 -6.33 19.43 2.67
CA ARG A 226 -7.52 18.94 1.96
C ARG A 226 -7.35 19.13 0.47
N ILE A 227 -6.70 20.22 0.09
CA ILE A 227 -6.50 20.48 -1.33
C ILE A 227 -5.46 19.54 -1.96
N ASP A 228 -4.31 19.40 -1.32
CA ASP A 228 -3.28 18.48 -1.81
C ASP A 228 -3.77 17.04 -1.80
N GLY A 229 -4.59 16.68 -0.82
CA GLY A 229 -5.10 15.32 -0.71
C GLY A 229 -5.94 14.90 -1.90
N GLN A 230 -6.61 15.86 -2.52
CA GLN A 230 -7.42 15.60 -3.69
C GLN A 230 -6.61 15.03 -4.85
N GLN A 231 -5.38 15.51 -5.01
CA GLN A 231 -4.53 15.12 -6.13
C GLN A 231 -4.40 13.61 -6.32
N PRO A 232 -3.88 12.89 -5.30
CA PRO A 232 -3.78 11.43 -5.46
C PRO A 232 -5.14 10.76 -5.67
N CYS A 233 -6.22 11.33 -5.11
CA CYS A 233 -7.55 10.74 -5.32
C CYS A 233 -7.96 10.81 -6.79
N PHE A 234 -7.85 11.99 -7.41
CA PHE A 234 -8.27 12.15 -8.80
C PHE A 234 -7.25 11.58 -9.80
N ASP A 235 -5.98 11.56 -9.44
CA ASP A 235 -4.98 10.87 -10.24
C ASP A 235 -5.28 9.38 -10.28
N SER A 236 -5.61 8.80 -9.14
CA SER A 236 -6.01 7.41 -9.12
C SER A 236 -7.28 7.18 -9.97
N PHE A 237 -8.27 8.04 -9.83
CA PHE A 237 -9.49 7.92 -10.65
C PHE A 237 -9.17 7.93 -12.16
N GLN A 238 -8.29 8.84 -12.58
CA GLN A 238 -7.97 8.99 -13.98
C GLN A 238 -7.19 7.81 -14.52
N ALA A 239 -6.25 7.29 -13.73
CA ALA A 239 -5.52 6.11 -14.13
C ALA A 239 -6.44 4.89 -14.30
N LEU A 240 -7.52 4.83 -13.54
CA LEU A 240 -8.29 3.58 -13.49
C LEU A 240 -9.61 3.61 -14.22
N ALA A 241 -10.10 4.79 -14.57
CA ALA A 241 -11.41 4.90 -15.18
C ALA A 241 -11.37 4.64 -16.69
N GLN A 242 -12.54 4.57 -17.29
CA GLN A 242 -12.64 4.32 -18.73
C GLN A 242 -12.54 5.64 -19.49
N PRO A 243 -12.04 5.59 -20.73
CA PRO A 243 -11.82 6.82 -21.50
C PRO A 243 -13.05 7.73 -21.62
N PRO A 244 -14.26 7.15 -21.76
CA PRO A 244 -15.43 8.04 -21.79
C PRO A 244 -15.67 8.68 -20.42
N GLN A 245 -15.20 8.05 -19.34
CA GLN A 245 -15.41 8.60 -18.00
C GLN A 245 -14.42 9.72 -17.69
N THR A 246 -13.16 9.54 -18.07
CA THR A 246 -12.17 10.59 -17.91
C THR A 246 -12.47 11.76 -18.84
N ALA A 247 -13.04 11.46 -20.00
CA ALA A 247 -13.45 12.49 -20.95
C ALA A 247 -14.53 13.37 -20.33
N LEU A 248 -15.59 12.75 -19.84
CA LEU A 248 -16.68 13.49 -19.21
C LEU A 248 -16.18 14.37 -18.07
N PHE A 249 -15.23 13.85 -17.30
CA PHE A 249 -14.63 14.54 -16.17
C PHE A 249 -13.86 15.77 -16.64
N ALA A 250 -13.09 15.59 -17.72
CA ALA A 250 -12.23 16.67 -18.20
C ALA A 250 -13.08 17.81 -18.74
N GLU A 251 -14.22 17.46 -19.32
CA GLU A 251 -15.12 18.45 -19.89
C GLU A 251 -16.04 19.10 -18.85
N GLN A 252 -16.62 18.27 -17.97
CA GLN A 252 -17.61 18.75 -16.99
C GLN A 252 -17.02 19.40 -15.73
N CYS A 253 -15.80 19.04 -15.37
CA CYS A 253 -15.26 19.46 -14.09
C CYS A 253 -13.97 20.24 -14.22
N GLN A 254 -13.94 21.17 -15.17
CA GLN A 254 -12.77 21.99 -15.42
C GLN A 254 -12.41 22.87 -14.22
N ALA A 255 -11.12 23.21 -14.11
CA ALA A 255 -10.64 24.04 -13.03
C ALA A 255 -11.38 25.37 -12.97
N SER A 256 -11.55 25.90 -11.75
CA SER A 256 -12.24 27.17 -11.53
C SER A 256 -11.23 28.26 -11.18
N LEU A 257 -11.23 29.32 -11.98
CA LEU A 257 -10.36 30.47 -11.75
C LEU A 257 -10.72 31.18 -10.42
N GLU A 258 -12.01 31.29 -10.16
CA GLU A 258 -12.45 31.95 -8.94
C GLU A 258 -11.98 31.18 -7.70
N ILE A 259 -12.23 29.87 -7.68
CA ILE A 259 -11.74 29.03 -6.58
C ILE A 259 -10.22 29.11 -6.45
N GLU A 260 -9.52 29.07 -7.58
CA GLU A 260 -8.07 29.15 -7.54
C GLU A 260 -7.57 30.47 -6.93
N GLN A 261 -8.22 31.57 -7.28
CA GLN A 261 -7.84 32.87 -6.72
C GLN A 261 -8.13 32.94 -5.23
N LEU A 262 -9.28 32.42 -4.83
CA LEU A 262 -9.64 32.43 -3.42
C LEU A 262 -8.72 31.51 -2.60
N ARG A 263 -8.23 30.43 -3.20
CA ARG A 263 -7.29 29.56 -2.50
C ARG A 263 -6.02 30.34 -2.20
N ARG A 264 -5.55 31.08 -3.20
CA ARG A 264 -4.33 31.86 -3.05
C ARG A 264 -4.49 32.93 -1.97
N VAL A 265 -5.65 33.56 -1.93
CA VAL A 265 -5.92 34.54 -0.88
C VAL A 265 -5.86 33.91 0.51
N ALA A 266 -6.59 32.81 0.69
CA ALA A 266 -6.63 32.13 1.97
C ALA A 266 -5.22 31.72 2.44
N CYS A 267 -4.35 31.37 1.51
CA CYS A 267 -3.01 30.91 1.87
C CYS A 267 -2.00 32.04 2.06
N THR A 268 -2.34 33.23 1.54
CA THR A 268 -1.40 34.34 1.57
C THR A 268 -1.84 35.43 2.54
N ARG A 269 -2.65 36.36 2.05
CA ARG A 269 -2.97 37.56 2.82
C ARG A 269 -4.28 37.45 3.58
N GLN A 270 -4.58 38.48 4.37
CA GLN A 270 -5.80 38.48 5.16
C GLN A 270 -6.99 38.61 4.21
N PRO A 271 -8.05 37.82 4.46
CA PRO A 271 -9.26 37.92 3.65
C PRO A 271 -10.03 39.22 3.96
N PRO A 272 -10.91 39.64 3.03
CA PRO A 272 -11.68 40.88 3.21
C PRO A 272 -12.67 40.75 4.35
N ALA A 273 -12.80 41.81 5.15
CA ALA A 273 -13.71 41.80 6.29
C ALA A 273 -15.13 42.19 5.85
N ASP A 274 -15.69 41.46 4.89
CA ASP A 274 -16.95 41.82 4.28
C ASP A 274 -18.13 41.07 4.89
N GLU A 275 -17.96 40.66 6.14
CA GLU A 275 -19.03 40.09 6.95
C GLU A 275 -19.80 38.97 6.26
N GLY A 276 -19.09 38.04 5.65
CA GLY A 276 -19.73 36.86 5.09
C GLY A 276 -19.84 36.87 3.58
N GLU A 277 -19.52 38.00 2.95
CA GLU A 277 -19.69 38.10 1.50
C GLU A 277 -18.71 37.18 0.72
N THR A 278 -17.42 37.22 1.06
CA THR A 278 -16.44 36.36 0.40
C THR A 278 -16.64 34.87 0.71
N ALA A 279 -17.03 34.59 1.95
CA ALA A 279 -17.36 33.25 2.40
C ALA A 279 -18.46 32.64 1.54
N LEU A 280 -19.51 33.43 1.30
CA LEU A 280 -20.62 33.01 0.44
C LEU A 280 -20.17 32.80 -0.99
N ARG A 281 -19.32 33.70 -1.48
CA ARG A 281 -18.78 33.61 -2.83
C ARG A 281 -18.01 32.28 -2.94
N TRP A 282 -17.21 32.01 -1.93
CA TRP A 282 -16.44 30.76 -1.85
C TRP A 282 -17.39 29.57 -1.83
N PHE A 283 -18.33 29.59 -0.91
CA PHE A 283 -19.24 28.48 -0.73
C PHE A 283 -20.00 28.14 -2.02
N CYS A 284 -20.51 29.18 -2.68
CA CYS A 284 -21.33 28.99 -3.86
C CYS A 284 -20.52 28.45 -5.02
N ALA A 285 -19.34 29.04 -5.25
CA ALA A 285 -18.45 28.50 -6.26
C ALA A 285 -18.14 27.03 -5.99
N GLN A 286 -17.85 26.69 -4.73
CA GLN A 286 -17.48 25.31 -4.39
C GLN A 286 -18.68 24.38 -4.54
N THR A 287 -19.86 24.87 -4.20
CA THR A 287 -21.06 24.06 -4.32
C THR A 287 -21.37 23.71 -5.78
N GLN A 288 -21.08 24.63 -6.70
CA GLN A 288 -21.30 24.36 -8.13
C GLN A 288 -20.29 23.32 -8.61
N ARG A 289 -19.07 23.46 -8.10
CA ARG A 289 -18.01 22.52 -8.36
C ARG A 289 -18.39 21.11 -7.92
N LEU A 290 -18.95 20.99 -6.72
CA LEU A 290 -19.34 19.68 -6.20
C LEU A 290 -20.53 19.08 -6.94
N GLU A 291 -21.47 19.91 -7.38
CA GLU A 291 -22.56 19.41 -8.22
C GLU A 291 -22.08 18.92 -9.58
N GLN A 292 -21.05 19.57 -10.13
CA GLN A 292 -20.44 19.05 -11.35
C GLN A 292 -19.78 17.69 -11.10
N LEU A 293 -19.07 17.56 -9.97
CA LEU A 293 -18.45 16.27 -9.64
C LEU A 293 -19.54 15.22 -9.47
N ARG A 294 -20.64 15.58 -8.83
CA ARG A 294 -21.75 14.65 -8.59
C ARG A 294 -22.28 14.10 -9.91
N GLY A 295 -22.41 14.95 -10.92
CA GLY A 295 -22.87 14.54 -12.23
C GLY A 295 -22.03 13.40 -12.77
N VAL A 296 -20.72 13.58 -12.72
CA VAL A 296 -19.80 12.54 -13.17
C VAL A 296 -19.90 11.29 -12.30
N GLU A 297 -20.01 11.47 -10.99
CA GLU A 297 -20.07 10.34 -10.08
C GLU A 297 -21.30 9.47 -10.35
N GLU A 298 -22.42 10.11 -10.68
CA GLU A 298 -23.63 9.37 -11.02
C GLU A 298 -23.43 8.53 -12.28
N LEU A 299 -22.62 9.03 -13.21
CA LEU A 299 -22.33 8.28 -14.42
C LEU A 299 -21.52 7.04 -14.09
N LEU A 300 -20.57 7.19 -13.18
CA LEU A 300 -19.70 6.08 -12.84
C LEU A 300 -20.54 4.93 -12.29
N ILE A 301 -21.52 5.29 -11.45
CA ILE A 301 -22.42 4.33 -10.84
C ILE A 301 -23.29 3.61 -11.88
N VAL A 302 -23.88 4.39 -12.79
CA VAL A 302 -24.64 3.82 -13.90
C VAL A 302 -23.79 2.84 -14.70
N ASP A 303 -22.58 3.27 -15.06
CA ASP A 303 -21.67 2.41 -15.82
C ASP A 303 -21.29 1.16 -15.07
N LEU A 304 -21.07 1.28 -13.77
CA LEU A 304 -20.70 0.12 -12.97
C LEU A 304 -21.86 -0.88 -12.95
N LEU A 305 -23.08 -0.37 -12.84
CA LEU A 305 -24.26 -1.23 -12.79
C LEU A 305 -24.51 -1.94 -14.13
N ASN A 306 -24.34 -1.21 -15.22
CA ASN A 306 -24.47 -1.80 -16.54
C ASN A 306 -23.45 -2.92 -16.71
N ALA A 307 -22.21 -2.62 -16.32
CA ALA A 307 -21.15 -3.62 -16.43
C ALA A 307 -21.48 -4.85 -15.57
N ALA A 308 -22.02 -4.62 -14.37
CA ALA A 308 -22.43 -5.72 -13.51
C ALA A 308 -23.48 -6.60 -14.18
N ASP A 309 -24.49 -5.97 -14.76
CA ASP A 309 -25.54 -6.70 -15.48
C ASP A 309 -24.97 -7.51 -16.66
N ALA A 310 -24.14 -6.86 -17.47
CA ALA A 310 -23.60 -7.50 -18.66
C ALA A 310 -22.73 -8.70 -18.30
N LEU A 311 -22.22 -8.73 -17.08
CA LEU A 311 -21.41 -9.85 -16.65
C LEU A 311 -22.29 -11.01 -16.19
N LEU A 312 -23.39 -10.68 -15.53
CA LEU A 312 -24.37 -11.68 -15.15
C LEU A 312 -25.00 -12.30 -16.40
N GLU A 313 -25.10 -11.51 -17.46
CA GLU A 313 -25.67 -11.97 -18.71
C GLU A 313 -24.60 -12.21 -19.77
N GLY A 314 -23.61 -13.04 -19.45
CA GLY A 314 -22.51 -13.29 -20.36
C GLY A 314 -22.31 -14.77 -20.66
N SER A 330 2.99 -17.18 -20.18
CA SER A 330 3.23 -15.96 -19.39
C SER A 330 2.15 -15.79 -18.30
N ILE A 331 2.44 -16.34 -17.13
CA ILE A 331 1.47 -16.39 -16.04
C ILE A 331 1.54 -15.14 -15.18
N ALA A 332 2.74 -14.62 -14.98
CA ALA A 332 2.91 -13.38 -14.23
C ALA A 332 2.06 -12.28 -14.86
N LEU A 333 1.80 -12.41 -16.15
CA LEU A 333 0.95 -11.45 -16.86
C LEU A 333 -0.51 -11.70 -16.51
N ARG A 334 -0.97 -12.92 -16.72
CA ARG A 334 -2.36 -13.28 -16.42
C ARG A 334 -2.70 -13.02 -14.95
N LEU A 335 -1.73 -13.28 -14.08
CA LEU A 335 -1.90 -13.11 -12.64
C LEU A 335 -2.17 -11.65 -12.26
N ASP A 336 -1.30 -10.76 -12.73
CA ASP A 336 -1.43 -9.34 -12.45
C ASP A 336 -2.76 -8.80 -12.98
N LYS A 337 -3.08 -9.14 -14.23
CA LYS A 337 -4.34 -8.76 -14.85
C LYS A 337 -5.52 -9.23 -14.01
N GLN A 338 -5.38 -10.39 -13.38
CA GLN A 338 -6.48 -10.98 -12.61
C GLN A 338 -6.59 -10.45 -11.18
N LEU A 339 -5.45 -10.30 -10.50
CA LEU A 339 -5.44 -9.86 -9.11
C LEU A 339 -5.35 -8.33 -8.96
N LEU A 340 -4.69 -7.67 -9.91
CA LEU A 340 -4.58 -6.22 -9.91
C LEU A 340 -3.96 -5.69 -8.62
N PRO A 341 -2.71 -6.07 -8.36
CA PRO A 341 -2.06 -5.64 -7.11
C PRO A 341 -1.91 -4.11 -7.04
N LEU A 342 -1.57 -3.48 -8.17
CA LEU A 342 -1.44 -2.03 -8.19
C LEU A 342 -2.74 -1.34 -7.81
N VAL A 343 -3.86 -1.91 -8.25
CA VAL A 343 -5.17 -1.34 -7.95
C VAL A 343 -5.50 -1.44 -6.46
N ARG A 344 -5.23 -2.59 -5.86
CA ARG A 344 -5.42 -2.76 -4.42
C ARG A 344 -4.51 -1.81 -3.63
N GLN A 345 -3.29 -1.62 -4.13
CA GLN A 345 -2.35 -0.70 -3.53
C GLN A 345 -2.90 0.73 -3.50
N GLN A 346 -3.50 1.15 -4.60
CA GLN A 346 -4.07 2.50 -4.69
C GLN A 346 -5.20 2.69 -3.68
N ALA A 347 -6.10 1.72 -3.61
CA ALA A 347 -7.16 1.74 -2.61
C ALA A 347 -6.59 1.80 -1.19
N HIS A 348 -5.52 1.03 -0.92
CA HIS A 348 -4.82 1.06 0.37
C HIS A 348 -4.36 2.48 0.70
N GLU A 349 -3.61 3.08 -0.23
CA GLU A 349 -3.03 4.38 0.00
C GLU A 349 -4.11 5.46 0.24
N LEU A 350 -5.25 5.36 -0.43
CA LEU A 350 -6.26 6.42 -0.30
C LEU A 350 -6.96 6.32 1.05
N GLN A 351 -7.18 5.09 1.50
CA GLN A 351 -7.67 4.84 2.84
C GLN A 351 -6.67 5.30 3.89
N GLN A 352 -5.38 5.10 3.61
CA GLN A 352 -4.34 5.51 4.53
C GLN A 352 -4.35 7.04 4.68
N LEU A 353 -4.39 7.72 3.54
CA LEU A 353 -4.43 9.17 3.48
C LEU A 353 -5.64 9.72 4.25
N SER A 354 -6.77 9.05 4.05
CA SER A 354 -8.02 9.37 4.70
C SER A 354 -7.91 9.32 6.22
N GLY A 355 -7.37 8.22 6.73
CA GLY A 355 -7.14 8.09 8.16
C GLY A 355 -6.21 9.14 8.70
N GLN A 356 -5.08 9.38 8.01
CA GLN A 356 -4.11 10.37 8.44
C GLN A 356 -4.72 11.76 8.60
N LEU A 357 -5.58 12.16 7.66
CA LEU A 357 -6.19 13.49 7.69
C LEU A 357 -7.20 13.60 8.83
N ALA A 358 -7.63 12.45 9.31
CA ALA A 358 -8.63 12.39 10.37
C ALA A 358 -8.00 12.29 11.76
N SER A 359 -6.68 12.06 11.79
CA SER A 359 -5.97 11.81 13.04
C SER A 359 -5.06 12.96 13.42
N LEU A 360 -5.21 13.45 14.65
CA LEU A 360 -4.34 14.50 15.19
C LEU A 360 -2.93 14.00 15.43
N LYS A 361 -2.79 12.77 15.90
CA LYS A 361 -1.48 12.16 16.01
C LYS A 361 -0.76 12.27 14.67
N ASP A 362 -1.43 11.84 13.61
CA ASP A 362 -0.80 11.80 12.28
C ASP A 362 -0.52 13.21 11.79
N ALA A 363 -1.48 14.11 12.02
CA ALA A 363 -1.33 15.51 11.62
C ALA A 363 -0.12 16.16 12.25
N LEU A 364 0.11 15.88 13.52
CA LEU A 364 1.21 16.52 14.26
C LEU A 364 2.53 15.85 13.94
N GLU A 365 2.50 14.54 13.73
CA GLU A 365 3.67 13.86 13.18
C GLU A 365 4.15 14.52 11.89
N GLU A 366 3.22 14.85 11.01
CA GLU A 366 3.56 15.41 9.70
C GLU A 366 3.99 16.85 9.82
N ARG A 367 3.38 17.57 10.75
CA ARG A 367 3.76 18.95 10.98
C ARG A 367 5.20 19.06 11.49
N LYS A 368 5.61 18.08 12.29
CA LYS A 368 6.98 18.03 12.81
C LYS A 368 7.97 17.94 11.65
N LEU A 369 7.64 17.11 10.67
CA LEU A 369 8.46 17.00 9.47
C LEU A 369 8.50 18.31 8.69
N ILE A 370 7.35 18.97 8.57
CA ILE A 370 7.27 20.23 7.85
C ILE A 370 8.03 21.34 8.58
N GLU A 371 7.98 21.34 9.91
CA GLU A 371 8.74 22.32 10.68
C GLU A 371 10.24 22.14 10.48
N LYS A 372 10.71 20.90 10.58
CA LYS A 372 12.09 20.57 10.24
C LYS A 372 12.52 21.02 8.83
N ALA A 373 11.73 20.71 7.82
CA ALA A 373 12.03 21.18 6.47
C ALA A 373 12.11 22.70 6.41
N LYS A 374 11.20 23.39 7.11
CA LYS A 374 11.24 24.84 7.17
C LYS A 374 12.56 25.34 7.75
N SER A 375 12.97 24.74 8.87
CA SER A 375 14.25 25.10 9.48
C SER A 375 15.42 24.93 8.50
N VAL A 376 15.38 23.86 7.72
CA VAL A 376 16.44 23.63 6.73
C VAL A 376 16.54 24.79 5.76
N LEU A 377 15.39 25.25 5.27
CA LEU A 377 15.35 26.39 4.37
C LEU A 377 15.75 27.69 5.08
N MET A 378 15.38 27.80 6.35
CA MET A 378 15.69 29.00 7.11
C MET A 378 17.19 29.14 7.36
N THR A 379 17.87 28.00 7.47
CA THR A 379 19.29 27.98 7.82
C THR A 379 20.22 27.99 6.61
N TYR A 380 20.01 27.06 5.69
CA TYR A 380 20.92 26.88 4.58
C TYR A 380 20.54 27.72 3.37
N GLN A 381 19.50 28.54 3.52
CA GLN A 381 19.03 29.32 2.38
C GLN A 381 18.53 30.70 2.78
N GLY A 382 18.57 30.98 4.08
CA GLY A 382 18.30 32.31 4.58
C GLY A 382 16.88 32.79 4.42
N MET A 383 15.95 31.85 4.39
CA MET A 383 14.55 32.20 4.22
C MET A 383 13.92 32.60 5.55
N GLN A 384 12.95 33.50 5.49
CA GLN A 384 12.11 33.79 6.65
C GLN A 384 11.15 32.62 6.85
N GLU A 385 10.59 32.49 8.05
CA GLU A 385 9.76 31.33 8.36
C GLU A 385 8.54 31.20 7.44
N GLU A 386 7.80 32.29 7.25
CA GLU A 386 6.65 32.27 6.37
C GLU A 386 7.09 31.98 4.94
N GLN A 387 8.17 32.62 4.52
CA GLN A 387 8.73 32.39 3.19
C GLN A 387 9.07 30.91 3.00
N ALA A 388 9.65 30.30 4.04
CA ALA A 388 9.98 28.89 4.05
C ALA A 388 8.74 28.03 3.80
N TRP A 389 7.67 28.33 4.53
CA TRP A 389 6.43 27.58 4.40
C TRP A 389 5.86 27.74 2.99
N GLN A 390 5.88 28.97 2.49
CA GLN A 390 5.36 29.21 1.14
C GLN A 390 6.15 28.44 0.10
N ALA A 391 7.46 28.37 0.27
CA ALA A 391 8.32 27.62 -0.66
C ALA A 391 7.92 26.14 -0.74
N LEU A 392 7.69 25.55 0.43
CA LEU A 392 7.28 24.15 0.51
C LEU A 392 5.92 23.91 -0.17
N ARG A 393 4.96 24.78 0.13
CA ARG A 393 3.62 24.70 -0.47
C ARG A 393 3.71 24.86 -1.99
N LYS A 394 4.58 25.76 -2.43
CA LYS A 394 4.80 25.97 -3.85
C LYS A 394 5.32 24.69 -4.51
N MET A 395 6.37 24.11 -3.93
CA MET A 395 6.94 22.88 -4.49
C MET A 395 5.90 21.76 -4.55
N ALA A 396 4.97 21.76 -3.59
CA ALA A 396 3.97 20.71 -3.50
C ALA A 396 2.94 20.81 -4.62
N MET A 397 2.53 22.03 -4.94
CA MET A 397 1.64 22.30 -6.07
C MET A 397 2.33 21.90 -7.36
N ASP A 398 3.55 22.38 -7.56
CA ASP A 398 4.27 22.18 -8.80
C ASP A 398 4.59 20.71 -9.03
N LYS A 399 4.83 19.97 -7.96
CA LYS A 399 5.18 18.56 -8.07
C LYS A 399 3.99 17.64 -7.85
N ASN A 400 2.83 18.23 -7.57
CA ASN A 400 1.63 17.44 -7.29
C ASN A 400 1.86 16.45 -6.14
N GLN A 401 2.49 16.92 -5.08
CA GLN A 401 2.69 16.11 -3.88
C GLN A 401 2.18 16.88 -2.67
N ARG A 402 1.96 16.17 -1.56
CA ARG A 402 1.56 16.82 -0.33
C ARG A 402 2.76 17.56 0.24
N MET A 403 2.52 18.58 1.05
CA MET A 403 3.60 19.32 1.71
C MET A 403 4.49 18.39 2.55
N VAL A 404 3.90 17.41 3.22
CA VAL A 404 4.71 16.52 4.05
C VAL A 404 5.63 15.66 3.22
N GLU A 405 5.20 15.32 2.00
CA GLU A 405 6.03 14.57 1.04
C GLU A 405 7.20 15.41 0.55
N ILE A 406 6.93 16.68 0.26
CA ILE A 406 8.00 17.61 -0.09
C ILE A 406 8.98 17.71 1.07
N ALA A 407 8.44 17.79 2.28
CA ALA A 407 9.27 17.95 3.47
C ALA A 407 10.17 16.74 3.67
N ARG A 408 9.58 15.56 3.52
CA ARG A 408 10.30 14.31 3.61
C ARG A 408 11.38 14.26 2.55
N ALA A 409 11.03 14.65 1.32
CA ALA A 409 12.04 14.65 0.26
C ALA A 409 13.25 15.49 0.63
N LEU A 410 13.04 16.67 1.19
CA LEU A 410 14.14 17.57 1.51
C LEU A 410 15.02 17.07 2.65
N LEU A 411 14.40 16.45 3.67
CA LEU A 411 15.15 15.89 4.78
C LEU A 411 15.96 14.67 4.34
N THR A 412 15.44 13.95 3.36
CA THR A 412 16.13 12.80 2.82
C THR A 412 17.47 13.16 2.15
N VAL A 413 17.54 14.34 1.54
CA VAL A 413 18.74 14.72 0.83
C VAL A 413 19.50 15.90 1.45
N LYS A 414 19.17 16.28 2.68
CA LYS A 414 19.71 17.54 3.19
C LYS A 414 21.22 17.48 3.44
N ALA A 415 21.79 16.26 3.40
CA ALA A 415 23.24 16.12 3.41
C ALA A 415 23.87 16.85 2.22
N LEU A 416 23.07 17.12 1.19
CA LEU A 416 23.54 17.86 0.03
C LEU A 416 23.65 19.36 0.30
N TRP A 417 22.79 19.89 1.16
CA TRP A 417 22.90 21.28 1.57
C TRP A 417 24.00 21.47 2.61
N ARG A 418 24.20 20.46 3.44
CA ARG A 418 25.17 20.50 4.54
C ARG A 418 26.58 20.78 4.03
N PRO B 36 -28.97 -2.42 18.48
CA PRO B 36 -30.02 -2.61 17.46
C PRO B 36 -29.52 -3.41 16.26
N GLU B 37 -29.57 -2.81 15.07
CA GLU B 37 -29.03 -3.47 13.88
C GLU B 37 -27.52 -3.69 14.04
N VAL B 38 -26.87 -2.82 14.80
CA VAL B 38 -25.43 -2.91 15.01
C VAL B 38 -25.04 -4.26 15.60
N VAL B 39 -25.80 -4.70 16.60
CA VAL B 39 -25.50 -5.94 17.30
C VAL B 39 -25.46 -7.13 16.35
N ASP B 40 -26.29 -7.08 15.31
CA ASP B 40 -26.35 -8.17 14.34
C ASP B 40 -25.12 -8.22 13.45
N TRP B 41 -24.60 -7.07 13.04
CA TRP B 41 -23.38 -7.05 12.22
C TRP B 41 -22.18 -7.56 13.01
N PHE B 42 -22.15 -7.28 14.31
CA PHE B 42 -21.10 -7.81 15.17
C PHE B 42 -21.28 -9.29 15.40
N ALA B 43 -22.54 -9.72 15.55
CA ALA B 43 -22.83 -11.14 15.75
C ALA B 43 -22.33 -11.95 14.55
N ARG B 44 -22.56 -11.45 13.35
CA ARG B 44 -22.08 -12.15 12.17
C ARG B 44 -20.55 -12.10 12.09
N ALA B 45 -19.99 -10.92 12.27
CA ALA B 45 -18.54 -10.78 12.26
C ALA B 45 -17.93 -11.78 13.22
N ARG B 46 -18.49 -11.84 14.43
CA ARG B 46 -18.01 -12.78 15.45
C ARG B 46 -18.24 -14.25 15.10
N ARG B 47 -19.38 -14.56 14.49
CA ARG B 47 -19.63 -15.93 14.02
C ARG B 47 -18.60 -16.35 12.99
N LEU B 48 -18.36 -15.48 12.01
CA LEU B 48 -17.40 -15.76 10.95
C LEU B 48 -16.02 -16.01 11.54
N GLN B 49 -15.62 -15.16 12.48
CA GLN B 49 -14.29 -15.26 13.04
C GLN B 49 -14.10 -16.57 13.81
N LYS B 50 -15.14 -16.98 14.55
CA LYS B 50 -15.05 -18.24 15.30
C LYS B 50 -14.91 -19.44 14.37
N GLN B 51 -15.60 -19.39 13.23
CA GLN B 51 -15.45 -20.44 12.24
C GLN B 51 -14.01 -20.48 11.73
N GLN B 52 -13.48 -19.30 11.43
CA GLN B 52 -12.11 -19.18 10.94
C GLN B 52 -11.08 -19.79 11.88
N LEU B 53 -11.36 -19.74 13.18
CA LEU B 53 -10.45 -20.32 14.18
C LEU B 53 -9.95 -21.70 13.79
N HIS B 54 -10.84 -22.51 13.24
CA HIS B 54 -10.51 -23.91 12.95
C HIS B 54 -9.60 -24.11 11.73
N GLN B 55 -9.33 -23.03 11.01
CA GLN B 55 -8.47 -23.13 9.82
C GLN B 55 -7.05 -22.61 10.10
N LEU B 56 -6.85 -22.04 11.28
CA LEU B 56 -5.55 -21.50 11.62
C LEU B 56 -4.45 -22.57 11.62
N ALA B 57 -4.83 -23.80 11.92
CA ALA B 57 -3.85 -24.89 11.97
C ALA B 57 -3.35 -25.23 10.57
N GLN B 58 -4.28 -25.41 9.65
CA GLN B 58 -3.94 -25.71 8.25
C GLN B 58 -3.21 -24.53 7.63
N GLN B 59 -3.61 -23.32 8.00
CA GLN B 59 -3.02 -22.11 7.43
C GLN B 59 -1.59 -21.92 7.94
N GLY B 60 -1.40 -22.11 9.24
CA GLY B 60 -0.08 -22.01 9.82
C GLY B 60 0.85 -23.08 9.27
N THR B 61 0.32 -24.28 9.09
CA THR B 61 1.13 -25.38 8.58
C THR B 61 1.55 -25.12 7.12
N LEU B 62 0.65 -24.57 6.32
CA LEU B 62 1.00 -24.25 4.93
C LEU B 62 2.10 -23.20 4.86
N ALA B 63 2.00 -22.17 5.69
CA ALA B 63 3.02 -21.12 5.72
C ALA B 63 4.37 -21.71 6.13
N GLY B 64 4.36 -22.57 7.14
CA GLY B 64 5.57 -23.21 7.61
C GLY B 64 6.18 -24.12 6.55
N GLN B 65 5.31 -24.80 5.82
CA GLN B 65 5.75 -25.71 4.78
C GLN B 65 6.29 -24.96 3.56
N ILE B 66 5.69 -23.81 3.25
CA ILE B 66 6.21 -22.94 2.20
C ILE B 66 7.59 -22.41 2.59
N SER B 67 7.73 -22.01 3.85
CA SER B 67 9.00 -21.54 4.37
C SER B 67 10.12 -22.58 4.22
N ALA B 68 9.81 -23.84 4.53
CA ALA B 68 10.82 -24.91 4.45
C ALA B 68 11.21 -25.21 3.01
N LEU B 69 10.22 -25.27 2.12
CA LEU B 69 10.49 -25.51 0.71
C LEU B 69 11.38 -24.42 0.12
N VAL B 70 11.05 -23.17 0.44
CA VAL B 70 11.81 -22.02 -0.02
C VAL B 70 13.24 -22.10 0.48
N HIS B 71 13.39 -22.53 1.72
CA HIS B 71 14.71 -22.62 2.32
C HIS B 71 15.58 -23.68 1.60
N MET B 72 15.01 -24.84 1.32
CA MET B 72 15.73 -25.88 0.61
C MET B 72 16.05 -25.44 -0.81
N LEU B 73 15.11 -24.72 -1.43
CA LEU B 73 15.32 -24.17 -2.78
C LEU B 73 16.44 -23.12 -2.76
N GLN B 74 16.51 -22.35 -1.69
CA GLN B 74 17.61 -21.41 -1.51
C GLN B 74 18.95 -22.14 -1.37
N CYS B 75 18.93 -23.30 -0.71
CA CYS B 75 20.15 -24.08 -0.58
C CYS B 75 20.52 -24.64 -1.93
N GLU B 76 19.56 -25.24 -2.61
CA GLU B 76 19.83 -25.76 -3.95
C GLU B 76 20.31 -24.68 -4.92
N ARG B 77 19.72 -23.49 -4.88
CA ARG B 77 20.16 -22.40 -5.76
C ARG B 77 21.63 -22.07 -5.50
N GLY B 78 22.02 -22.04 -4.23
CA GLY B 78 23.40 -21.74 -3.87
C GLY B 78 24.40 -22.76 -4.37
N ALA B 79 24.08 -24.03 -4.15
CA ALA B 79 24.97 -25.11 -4.55
C ALA B 79 25.14 -25.12 -6.07
N SER B 80 24.03 -24.88 -6.78
CA SER B 80 24.02 -24.87 -8.24
C SER B 80 24.92 -23.76 -8.76
N ASN B 81 24.82 -22.61 -8.11
CA ASN B 81 25.62 -21.45 -8.46
C ASN B 81 27.13 -21.74 -8.39
N ILE B 82 27.56 -22.36 -7.30
CA ILE B 82 28.97 -22.67 -7.08
C ILE B 82 29.39 -23.77 -8.04
N TRP B 83 28.54 -24.78 -8.18
CA TRP B 83 28.75 -25.80 -9.18
C TRP B 83 29.02 -25.19 -10.56
N LEU B 84 28.25 -24.18 -10.95
CA LEU B 84 28.41 -23.59 -12.30
C LEU B 84 29.60 -22.64 -12.38
N CYS B 85 29.71 -21.75 -11.39
CA CYS B 85 30.81 -20.79 -11.35
C CYS B 85 32.17 -21.48 -11.22
N SER B 86 32.19 -22.67 -10.63
CA SER B 86 33.45 -23.42 -10.49
C SER B 86 33.75 -24.28 -11.71
N GLY B 87 32.97 -24.11 -12.78
CA GLY B 87 33.16 -24.94 -13.95
C GLY B 87 33.03 -26.41 -13.65
N GLY B 88 32.13 -26.74 -12.72
CA GLY B 88 31.90 -28.14 -12.37
C GLY B 88 32.99 -28.78 -11.52
N ARG B 89 33.70 -27.97 -10.73
CA ARG B 89 34.69 -28.47 -9.78
C ARG B 89 34.13 -28.70 -8.39
N LEU B 90 33.18 -27.87 -7.95
CA LEU B 90 32.78 -27.88 -6.54
C LEU B 90 31.28 -28.05 -6.31
N TYR B 91 30.95 -28.52 -5.13
CA TYR B 91 29.56 -28.49 -4.63
C TYR B 91 28.58 -29.45 -5.31
N ALA B 92 29.11 -30.39 -6.08
CA ALA B 92 28.25 -31.38 -6.73
C ALA B 92 27.46 -32.16 -5.67
N ALA B 93 28.11 -32.49 -4.56
CA ALA B 93 27.46 -33.26 -3.49
C ALA B 93 26.31 -32.45 -2.90
N GLU B 94 26.59 -31.19 -2.62
CA GLU B 94 25.58 -30.26 -2.13
C GLU B 94 24.38 -30.13 -3.10
N CYS B 95 24.64 -30.05 -4.40
CA CYS B 95 23.54 -29.98 -5.36
C CYS B 95 22.67 -31.20 -5.18
N ARG B 96 23.30 -32.36 -5.07
CA ARG B 96 22.57 -33.62 -5.01
C ARG B 96 21.76 -33.73 -3.73
N ALA B 97 22.38 -33.39 -2.61
CA ALA B 97 21.67 -33.39 -1.33
C ALA B 97 20.57 -32.34 -1.34
N GLY B 98 20.88 -31.17 -1.89
CA GLY B 98 19.91 -30.09 -1.98
C GLY B 98 18.63 -30.52 -2.68
N ALA B 99 18.78 -31.05 -3.90
CA ALA B 99 17.65 -31.52 -4.70
C ALA B 99 16.79 -32.55 -3.97
N ALA B 100 17.44 -33.46 -3.26
CA ALA B 100 16.71 -34.49 -2.52
C ALA B 100 15.88 -33.88 -1.40
N LEU B 101 16.48 -32.93 -0.68
CA LEU B 101 15.80 -32.24 0.43
C LEU B 101 14.63 -31.41 -0.06
N VAL B 102 14.82 -30.78 -1.21
CA VAL B 102 13.75 -30.07 -1.90
C VAL B 102 12.61 -31.04 -2.26
N ASP B 103 12.96 -32.19 -2.81
CA ASP B 103 11.96 -33.18 -3.18
C ASP B 103 11.18 -33.66 -1.96
N GLU B 104 11.85 -33.77 -0.82
CA GLU B 104 11.18 -34.14 0.43
C GLU B 104 10.18 -33.08 0.83
N GLN B 105 10.62 -31.82 0.79
CA GLN B 105 9.76 -30.71 1.16
C GLN B 105 8.61 -30.47 0.16
N LEU B 106 8.84 -30.74 -1.11
CA LEU B 106 7.78 -30.64 -2.11
C LEU B 106 6.61 -31.52 -1.71
N THR B 107 6.92 -32.75 -1.33
CA THR B 107 5.91 -33.71 -0.93
C THR B 107 5.08 -33.14 0.22
N ARG B 108 5.76 -32.59 1.22
CA ARG B 108 5.10 -32.03 2.39
C ARG B 108 4.34 -30.73 2.06
N PHE B 109 4.76 -30.04 1.01
CA PHE B 109 4.07 -28.82 0.57
C PHE B 109 2.77 -29.18 -0.14
N TYR B 110 2.83 -30.16 -1.05
CA TYR B 110 1.63 -30.63 -1.72
C TYR B 110 0.64 -31.20 -0.71
N ALA B 111 1.15 -31.88 0.31
CA ALA B 111 0.30 -32.41 1.36
C ALA B 111 -0.43 -31.27 2.04
N ALA B 112 0.33 -30.23 2.39
CA ALA B 112 -0.21 -29.09 3.11
C ALA B 112 -1.16 -28.25 2.26
N LEU B 113 -1.21 -28.50 0.96
CA LEU B 113 -2.13 -27.77 0.09
C LEU B 113 -3.51 -28.40 0.10
N GLU B 114 -3.58 -29.66 0.51
CA GLU B 114 -4.84 -30.42 0.49
C GLU B 114 -6.01 -29.69 1.14
N PRO B 115 -5.84 -29.21 2.38
CA PRO B 115 -6.93 -28.49 3.05
C PRO B 115 -7.45 -27.30 2.25
N ALA B 116 -6.63 -26.76 1.36
CA ALA B 116 -7.00 -25.56 0.62
C ALA B 116 -7.83 -25.88 -0.62
N ARG B 117 -7.89 -27.14 -1.02
CA ARG B 117 -8.52 -27.48 -2.29
C ARG B 117 -10.02 -27.15 -2.31
N ASP B 118 -10.66 -27.27 -1.15
CA ASP B 118 -12.09 -26.97 -1.04
C ASP B 118 -12.34 -25.83 -0.07
N ALA B 119 -11.43 -24.86 -0.02
CA ALA B 119 -11.55 -23.76 0.94
C ALA B 119 -10.87 -22.48 0.49
N ALA B 120 -9.91 -22.61 -0.42
CA ALA B 120 -9.15 -21.45 -0.90
C ALA B 120 -10.04 -20.51 -1.69
N SER B 121 -9.85 -19.21 -1.50
CA SER B 121 -10.56 -18.20 -2.26
C SER B 121 -10.05 -18.20 -3.69
N SER B 122 -10.66 -17.40 -4.54
CA SER B 122 -10.27 -17.33 -5.93
C SER B 122 -8.84 -16.80 -6.07
N ALA B 123 -8.56 -15.71 -5.37
CA ALA B 123 -7.23 -15.10 -5.44
C ALA B 123 -6.14 -16.03 -4.91
N LEU B 124 -6.42 -16.75 -3.83
CA LEU B 124 -5.45 -17.73 -3.31
C LEU B 124 -5.23 -18.86 -4.30
N CYS B 125 -6.31 -19.38 -4.88
CA CYS B 125 -6.19 -20.43 -5.89
C CYS B 125 -5.28 -20.01 -7.03
N TRP B 126 -5.42 -18.77 -7.48
CA TRP B 126 -4.54 -18.23 -8.51
C TRP B 126 -3.07 -18.27 -8.09
N ARG B 127 -2.80 -17.89 -6.85
CA ARG B 127 -1.42 -17.85 -6.36
C ARG B 127 -0.83 -19.26 -6.27
N ILE B 128 -1.59 -20.18 -5.71
CA ILE B 128 -1.20 -21.58 -5.67
C ILE B 128 -0.98 -22.13 -7.07
N ALA B 129 -1.85 -21.75 -8.00
CA ALA B 129 -1.73 -22.25 -9.37
C ALA B 129 -0.42 -21.80 -10.02
N CYS B 130 -0.06 -20.54 -9.86
CA CYS B 130 1.16 -20.00 -10.43
CA CYS B 130 1.17 -20.02 -10.44
C CYS B 130 2.41 -20.64 -9.81
N ALA B 131 2.33 -20.93 -8.51
CA ALA B 131 3.45 -21.54 -7.81
C ALA B 131 3.59 -23.02 -8.21
N VAL B 132 2.46 -23.71 -8.25
CA VAL B 132 2.39 -25.11 -8.65
C VAL B 132 2.82 -25.32 -10.12
N TRP B 133 2.62 -24.30 -10.94
CA TRP B 133 2.97 -24.35 -12.34
C TRP B 133 4.49 -24.43 -12.59
N TYR B 134 5.27 -23.72 -11.78
CA TYR B 134 6.71 -23.65 -11.99
C TYR B 134 7.45 -24.85 -11.43
N LEU B 135 6.93 -25.40 -10.33
CA LEU B 135 7.59 -26.48 -9.62
C LEU B 135 8.08 -27.64 -10.50
N PRO B 136 7.24 -28.09 -11.45
CA PRO B 136 7.65 -29.21 -12.32
C PRO B 136 8.85 -28.88 -13.21
N GLN B 137 9.18 -27.60 -13.36
CA GLN B 137 10.34 -27.22 -14.14
C GLN B 137 11.65 -27.61 -13.46
N LEU B 138 11.59 -28.01 -12.19
CA LEU B 138 12.80 -28.36 -11.48
C LEU B 138 13.54 -29.48 -12.18
N ALA B 139 12.81 -30.48 -12.65
CA ALA B 139 13.43 -31.58 -13.38
C ALA B 139 14.33 -31.04 -14.50
N ALA B 140 13.74 -30.27 -15.41
CA ALA B 140 14.49 -29.72 -16.53
C ALA B 140 15.68 -28.88 -16.06
N LEU B 141 15.42 -27.95 -15.14
CA LEU B 141 16.46 -27.06 -14.63
C LEU B 141 17.67 -27.83 -14.06
N ARG B 142 17.40 -28.88 -13.31
CA ARG B 142 18.45 -29.64 -12.64
C ARG B 142 19.36 -30.33 -13.63
N LYS B 143 18.75 -30.87 -14.68
CA LYS B 143 19.49 -31.55 -15.73
C LYS B 143 20.47 -30.59 -16.39
N ARG B 144 20.01 -29.37 -16.64
CA ARG B 144 20.86 -28.37 -17.29
C ARG B 144 21.97 -27.90 -16.38
N VAL B 145 21.70 -27.80 -15.08
CA VAL B 145 22.73 -27.40 -14.13
C VAL B 145 23.79 -28.50 -14.12
N ARG B 146 23.32 -29.73 -13.97
CA ARG B 146 24.16 -30.93 -13.99
C ARG B 146 25.09 -30.96 -15.22
N ASP B 147 24.51 -30.82 -16.41
CA ASP B 147 25.28 -30.83 -17.65
C ASP B 147 26.04 -29.54 -17.87
N ARG B 148 25.80 -28.55 -17.02
CA ARG B 148 26.37 -27.22 -17.21
C ARG B 148 25.98 -26.59 -18.57
N GLU B 149 24.73 -26.81 -18.96
CA GLU B 149 24.20 -26.22 -20.20
C GLU B 149 23.28 -25.05 -19.87
N ILE B 150 23.70 -24.24 -18.91
CA ILE B 150 22.98 -23.04 -18.50
C ILE B 150 24.00 -22.16 -17.76
N ALA B 151 23.84 -20.85 -17.82
CA ALA B 151 24.75 -19.97 -17.07
C ALA B 151 24.27 -19.81 -15.63
N ALA B 152 25.19 -19.44 -14.75
CA ALA B 152 24.88 -19.25 -13.33
C ALA B 152 23.76 -18.24 -13.12
N GLU B 153 23.82 -17.12 -13.84
CA GLU B 153 22.80 -16.08 -13.68
C GLU B 153 21.43 -16.60 -14.06
N GLU B 154 21.39 -17.43 -15.10
CA GLU B 154 20.13 -17.98 -15.58
C GLU B 154 19.53 -18.97 -14.57
N ALA B 155 20.35 -19.92 -14.13
CA ALA B 155 19.91 -20.92 -13.16
C ALA B 155 19.48 -20.21 -11.88
N THR B 156 20.27 -19.22 -11.47
CA THR B 156 19.93 -18.39 -10.33
C THR B 156 18.57 -17.72 -10.53
N GLY B 157 18.36 -17.16 -11.72
CA GLY B 157 17.11 -16.50 -12.04
C GLY B 157 15.93 -17.46 -11.95
N GLN B 158 16.12 -18.69 -12.43
CA GLN B 158 15.01 -19.66 -12.42
C GLN B 158 14.69 -20.19 -11.03
N PHE B 159 15.72 -20.42 -10.22
CA PHE B 159 15.44 -20.77 -8.84
C PHE B 159 14.68 -19.61 -8.15
N SER B 160 15.11 -18.38 -8.42
CA SER B 160 14.51 -17.22 -7.75
C SER B 160 13.02 -17.06 -8.08
N ARG B 161 12.67 -17.33 -9.35
CA ARG B 161 11.30 -17.24 -9.81
C ARG B 161 10.39 -18.28 -9.14
N ILE B 162 10.86 -19.51 -9.03
CA ILE B 162 10.12 -20.54 -8.31
C ILE B 162 9.86 -20.11 -6.87
N ILE B 163 10.93 -19.65 -6.21
CA ILE B 163 10.83 -19.15 -4.85
C ILE B 163 9.85 -17.99 -4.74
N ARG B 164 9.94 -17.05 -5.66
CA ARG B 164 9.10 -15.85 -5.63
C ARG B 164 7.60 -16.19 -5.65
N HIS B 165 7.21 -17.11 -6.52
CA HIS B 165 5.81 -17.47 -6.60
C HIS B 165 5.33 -18.25 -5.36
N LEU B 166 6.22 -19.04 -4.77
CA LEU B 166 5.91 -19.72 -3.51
C LEU B 166 5.65 -18.71 -2.41
N LEU B 167 6.55 -17.74 -2.27
CA LEU B 167 6.41 -16.69 -1.28
C LEU B 167 5.14 -15.85 -1.46
N ASN B 168 4.74 -15.62 -2.71
CA ASN B 168 3.55 -14.81 -3.03
C ASN B 168 2.26 -15.44 -2.53
N ILE B 169 2.30 -16.72 -2.17
CA ILE B 169 1.13 -17.37 -1.59
C ILE B 169 0.81 -16.78 -0.22
N VAL B 170 1.86 -16.46 0.54
CA VAL B 170 1.75 -16.11 1.95
C VAL B 170 0.87 -14.89 2.28
N PRO B 171 1.13 -13.74 1.63
CA PRO B 171 0.28 -12.57 1.89
C PRO B 171 -1.17 -12.87 1.53
N GLN B 172 -1.37 -13.65 0.49
CA GLN B 172 -2.71 -14.00 0.05
C GLN B 172 -3.36 -14.89 1.09
N LEU B 173 -2.53 -15.68 1.76
CA LEU B 173 -3.01 -16.58 2.79
C LEU B 173 -3.56 -15.73 3.91
N ASN B 174 -2.89 -14.62 4.14
CA ASN B 174 -3.24 -13.71 5.22
C ASN B 174 -4.59 -13.00 5.02
N ASP B 175 -4.99 -12.83 3.77
CA ASP B 175 -6.27 -12.20 3.48
C ASP B 175 -7.44 -13.03 3.99
N SER B 176 -7.22 -14.32 4.21
CA SER B 176 -8.28 -15.20 4.69
C SER B 176 -8.17 -15.49 6.18
N ILE B 177 -7.35 -14.70 6.89
CA ILE B 177 -7.16 -14.86 8.33
C ILE B 177 -7.71 -13.66 9.10
N ASP B 178 -8.78 -13.87 9.85
CA ASP B 178 -9.46 -12.78 10.53
C ASP B 178 -8.80 -12.37 11.86
N ASP B 179 -8.31 -13.35 12.62
CA ASP B 179 -7.65 -13.03 13.89
C ASP B 179 -6.45 -12.09 13.72
N PRO B 180 -6.50 -10.94 14.40
CA PRO B 180 -5.47 -9.89 14.30
C PRO B 180 -4.11 -10.34 14.80
N GLN B 181 -4.06 -11.12 15.88
CA GLN B 181 -2.79 -11.56 16.43
C GLN B 181 -2.05 -12.43 15.44
N ILE B 182 -2.78 -13.38 14.86
CA ILE B 182 -2.21 -14.31 13.90
C ILE B 182 -1.89 -13.64 12.56
N ALA B 183 -2.75 -12.72 12.11
CA ALA B 183 -2.47 -12.03 10.86
C ALA B 183 -1.24 -11.15 11.04
N GLY B 184 -1.10 -10.55 12.22
CA GLY B 184 0.08 -9.80 12.56
C GLY B 184 1.35 -10.65 12.48
N ARG B 185 1.26 -11.86 13.03
CA ARG B 185 2.39 -12.78 13.01
C ARG B 185 2.74 -13.27 11.61
N MET B 186 1.72 -13.44 10.77
CA MET B 186 1.91 -13.87 9.38
C MET B 186 2.66 -12.82 8.56
N VAL B 187 2.33 -11.56 8.79
CA VAL B 187 2.99 -10.48 8.08
C VAL B 187 4.42 -10.27 8.57
N ALA B 188 4.63 -10.39 9.88
CA ALA B 188 5.99 -10.34 10.41
C ALA B 188 6.84 -11.48 9.85
N LEU B 189 6.28 -12.67 9.78
CA LEU B 189 6.97 -13.83 9.22
C LEU B 189 7.27 -13.67 7.73
N TYR B 190 6.28 -13.23 6.96
CA TYR B 190 6.48 -13.00 5.54
C TYR B 190 7.56 -11.95 5.31
N SER B 191 7.51 -10.86 6.09
CA SER B 191 8.52 -9.82 6.01
C SER B 191 9.90 -10.42 6.19
N PHE B 192 10.05 -11.23 7.22
CA PHE B 192 11.31 -11.88 7.52
C PHE B 192 11.72 -12.77 6.34
N MET B 193 10.83 -13.68 5.94
CA MET B 193 11.08 -14.60 4.84
C MET B 193 11.52 -13.83 3.59
N GLN B 194 10.93 -12.67 3.37
CA GLN B 194 11.22 -11.90 2.17
C GLN B 194 12.60 -11.22 2.26
N GLY B 195 12.95 -10.74 3.45
CA GLY B 195 14.28 -10.20 3.67
C GLY B 195 15.31 -11.30 3.48
N LYS B 196 15.03 -12.48 4.02
CA LYS B 196 15.95 -13.61 3.91
C LYS B 196 16.15 -14.05 2.46
N GLU B 197 15.09 -14.01 1.67
CA GLU B 197 15.18 -14.32 0.23
C GLU B 197 16.08 -13.32 -0.50
N LEU B 198 15.90 -12.04 -0.21
CA LEU B 198 16.74 -10.98 -0.78
C LEU B 198 18.19 -11.09 -0.31
N ALA B 199 18.40 -11.60 0.90
CA ALA B 199 19.74 -11.95 1.34
C ALA B 199 20.32 -13.10 0.51
N GLY B 200 19.50 -14.11 0.21
CA GLY B 200 19.90 -15.17 -0.69
C GLY B 200 20.23 -14.68 -2.11
N GLN B 201 19.50 -13.68 -2.61
CA GLN B 201 19.85 -13.09 -3.90
C GLN B 201 21.13 -12.25 -3.82
N GLU B 202 21.33 -11.55 -2.71
CA GLU B 202 22.61 -10.88 -2.47
C GLU B 202 23.77 -11.89 -2.59
N ARG B 203 23.60 -13.05 -1.96
CA ARG B 203 24.68 -14.05 -1.98
C ARG B 203 24.99 -14.42 -3.43
N ALA B 204 23.96 -14.81 -4.17
CA ALA B 204 24.11 -15.19 -5.57
C ALA B 204 24.80 -14.13 -6.43
N LEU B 205 24.30 -12.91 -6.39
CA LEU B 205 24.81 -11.85 -7.25
C LEU B 205 26.25 -11.53 -6.92
N GLY B 206 26.56 -11.47 -5.63
CA GLY B 206 27.90 -11.19 -5.18
C GLY B 206 28.85 -12.30 -5.58
N ALA B 207 28.38 -13.55 -5.51
CA ALA B 207 29.21 -14.68 -5.88
C ALA B 207 29.56 -14.60 -7.36
N LEU B 208 28.57 -14.27 -8.20
CA LEU B 208 28.82 -14.09 -9.63
C LEU B 208 29.93 -13.09 -9.88
N GLY B 209 29.80 -11.92 -9.28
CA GLY B 209 30.74 -10.84 -9.49
C GLY B 209 32.15 -11.22 -9.06
N PHE B 210 32.25 -11.83 -7.88
CA PHE B 210 33.57 -12.18 -7.35
C PHE B 210 34.19 -13.32 -8.19
N ALA B 211 33.34 -14.23 -8.68
CA ALA B 211 33.79 -15.31 -9.53
C ALA B 211 34.34 -14.82 -10.88
N ARG B 212 33.67 -13.83 -11.48
CA ARG B 212 34.16 -13.23 -12.72
C ARG B 212 35.40 -12.39 -12.44
N GLY B 213 35.45 -11.81 -11.24
CA GLY B 213 36.53 -10.90 -10.88
C GLY B 213 36.20 -9.47 -11.27
N GLN B 214 34.94 -9.27 -11.63
CA GLN B 214 34.45 -7.95 -12.01
C GLN B 214 32.95 -7.82 -11.77
N PHE B 215 32.53 -6.62 -11.36
CA PHE B 215 31.13 -6.28 -11.24
C PHE B 215 30.79 -5.26 -12.32
N SER B 216 29.98 -5.67 -13.29
CA SER B 216 29.50 -4.73 -14.29
C SER B 216 28.63 -3.70 -13.58
N ASP B 217 28.40 -2.56 -14.20
CA ASP B 217 27.58 -1.55 -13.56
C ASP B 217 26.18 -2.08 -13.34
N GLU B 218 25.73 -2.91 -14.26
CA GLU B 218 24.47 -3.63 -14.15
C GLU B 218 24.44 -4.53 -12.91
N LEU B 219 25.40 -5.44 -12.82
CA LEU B 219 25.49 -6.37 -11.69
C LEU B 219 25.60 -5.61 -10.38
N ARG B 220 26.48 -4.63 -10.33
CA ARG B 220 26.60 -3.80 -9.16
C ARG B 220 25.25 -3.20 -8.72
N GLN B 221 24.51 -2.63 -9.67
CA GLN B 221 23.22 -2.02 -9.33
C GLN B 221 22.23 -3.05 -8.77
N GLN B 222 22.19 -4.23 -9.40
CA GLN B 222 21.37 -5.33 -8.90
C GLN B 222 21.77 -5.77 -7.49
N LEU B 223 23.07 -5.81 -7.23
CA LEU B 223 23.54 -6.18 -5.91
C LEU B 223 23.04 -5.16 -4.91
N VAL B 224 23.28 -3.90 -5.21
CA VAL B 224 22.85 -2.80 -4.36
C VAL B 224 21.34 -2.83 -4.14
N ASP B 225 20.59 -3.20 -5.17
CA ASP B 225 19.14 -3.25 -5.07
C ASP B 225 18.71 -4.37 -4.12
N ARG B 226 19.45 -5.47 -4.11
CA ARG B 226 19.14 -6.61 -3.25
C ARG B 226 19.48 -6.29 -1.81
N ILE B 227 20.55 -5.54 -1.61
CA ILE B 227 20.92 -5.08 -0.28
C ILE B 227 19.95 -4.02 0.23
N ASP B 228 19.68 -2.99 -0.60
CA ASP B 228 18.71 -1.94 -0.25
C ASP B 228 17.38 -2.57 0.17
N GLY B 229 16.90 -3.52 -0.64
CA GLY B 229 15.59 -4.12 -0.44
C GLY B 229 15.35 -4.84 0.87
N GLN B 230 16.42 -5.37 1.49
CA GLN B 230 16.32 -6.07 2.77
C GLN B 230 15.84 -5.16 3.90
N GLN B 231 16.19 -3.89 3.80
CA GLN B 231 15.89 -2.93 4.86
C GLN B 231 14.38 -2.84 5.20
N PRO B 232 13.54 -2.55 4.20
CA PRO B 232 12.08 -2.50 4.44
C PRO B 232 11.58 -3.82 4.99
N CYS B 233 12.15 -4.92 4.53
CA CYS B 233 11.69 -6.24 4.94
C CYS B 233 11.93 -6.50 6.42
N PHE B 234 13.17 -6.27 6.87
CA PHE B 234 13.50 -6.51 8.27
C PHE B 234 12.95 -5.41 9.19
N ASP B 235 12.85 -4.18 8.68
CA ASP B 235 12.19 -3.11 9.44
C ASP B 235 10.76 -3.49 9.76
N SER B 236 10.03 -3.91 8.73
CA SER B 236 8.66 -4.37 8.91
C SER B 236 8.63 -5.50 9.94
N PHE B 237 9.55 -6.46 9.82
CA PHE B 237 9.63 -7.56 10.79
C PHE B 237 9.81 -7.09 12.24
N GLN B 238 10.73 -6.16 12.45
CA GLN B 238 11.00 -5.64 13.79
C GLN B 238 9.83 -4.86 14.36
N ALA B 239 9.13 -4.11 13.52
CA ALA B 239 7.95 -3.38 13.96
C ALA B 239 6.82 -4.32 14.40
N LEU B 240 6.73 -5.50 13.80
CA LEU B 240 5.58 -6.35 14.02
C LEU B 240 5.82 -7.57 14.90
N ALA B 241 7.08 -7.90 15.13
CA ALA B 241 7.40 -9.15 15.84
C ALA B 241 7.24 -8.98 17.35
N GLN B 242 7.27 -10.09 18.07
CA GLN B 242 7.20 -10.06 19.53
C GLN B 242 8.59 -9.84 20.11
N PRO B 243 8.65 -9.21 21.29
CA PRO B 243 9.93 -8.84 21.91
C PRO B 243 10.95 -9.96 22.01
N PRO B 244 10.52 -11.18 22.34
CA PRO B 244 11.49 -12.28 22.40
C PRO B 244 12.00 -12.65 21.00
N GLN B 245 11.21 -12.35 19.96
CA GLN B 245 11.60 -12.69 18.59
C GLN B 245 12.66 -11.71 18.04
N THR B 246 12.41 -10.42 18.22
CA THR B 246 13.37 -9.39 17.86
C THR B 246 14.63 -9.47 18.73
N ALA B 247 14.46 -9.86 19.99
CA ALA B 247 15.62 -10.08 20.86
C ALA B 247 16.49 -11.17 20.26
N LEU B 248 15.87 -12.29 19.91
CA LEU B 248 16.56 -13.38 19.24
C LEU B 248 17.27 -12.92 17.95
N PHE B 249 16.58 -12.10 17.15
CA PHE B 249 17.12 -11.60 15.88
C PHE B 249 18.38 -10.75 16.11
N ALA B 250 18.35 -9.88 17.10
CA ALA B 250 19.47 -8.99 17.35
C ALA B 250 20.68 -9.76 17.86
N GLU B 251 20.42 -10.82 18.62
CA GLU B 251 21.46 -11.66 19.20
C GLU B 251 22.06 -12.64 18.19
N GLN B 252 21.20 -13.31 17.43
CA GLN B 252 21.61 -14.39 16.54
C GLN B 252 21.97 -13.97 15.12
N CYS B 253 21.59 -12.75 14.72
CA CYS B 253 21.83 -12.34 13.35
C CYS B 253 22.61 -11.05 13.24
N GLN B 254 23.68 -10.96 14.02
CA GLN B 254 24.48 -9.77 14.07
C GLN B 254 25.11 -9.43 12.72
N ALA B 255 25.46 -8.17 12.54
CA ALA B 255 26.07 -7.72 11.29
C ALA B 255 27.42 -8.40 11.10
N SER B 256 27.78 -8.66 9.84
CA SER B 256 29.06 -9.33 9.52
C SER B 256 30.07 -8.34 8.96
N LEU B 257 31.17 -8.18 9.67
CA LEU B 257 32.25 -7.33 9.21
C LEU B 257 32.76 -7.76 7.83
N GLU B 258 33.01 -9.06 7.67
CA GLU B 258 33.54 -9.57 6.42
C GLU B 258 32.58 -9.29 5.26
N ILE B 259 31.30 -9.55 5.48
CA ILE B 259 30.30 -9.27 4.45
C ILE B 259 30.26 -7.79 4.15
N GLU B 260 30.37 -6.98 5.19
CA GLU B 260 30.33 -5.53 5.02
C GLU B 260 31.51 -5.03 4.19
N GLN B 261 32.70 -5.54 4.51
CA GLN B 261 33.88 -5.19 3.74
C GLN B 261 33.76 -5.64 2.27
N LEU B 262 33.22 -6.83 2.07
CA LEU B 262 33.15 -7.38 0.73
C LEU B 262 32.15 -6.61 -0.12
N ARG B 263 31.09 -6.12 0.53
CA ARG B 263 30.09 -5.30 -0.14
C ARG B 263 30.75 -4.01 -0.66
N ARG B 264 31.55 -3.39 0.21
CA ARG B 264 32.24 -2.17 -0.17
C ARG B 264 33.18 -2.44 -1.34
N VAL B 265 33.91 -3.55 -1.28
CA VAL B 265 34.76 -3.92 -2.41
C VAL B 265 33.95 -4.02 -3.71
N ALA B 266 32.90 -4.81 -3.68
CA ALA B 266 32.09 -5.00 -4.88
C ALA B 266 31.54 -3.68 -5.43
N CYS B 267 31.24 -2.72 -4.55
CA CYS B 267 30.64 -1.47 -5.00
C CYS B 267 31.63 -0.38 -5.39
N THR B 268 32.90 -0.54 -5.00
CA THR B 268 33.84 0.57 -5.16
C THR B 268 35.09 0.26 -5.98
N ARG B 269 35.45 -1.01 -6.11
CA ARG B 269 36.70 -1.34 -6.78
C ARG B 269 36.75 -2.75 -7.35
N GLN B 270 37.73 -2.97 -8.21
CA GLN B 270 37.93 -4.29 -8.81
C GLN B 270 38.24 -5.29 -7.72
N PRO B 271 37.54 -6.44 -7.74
CA PRO B 271 37.76 -7.52 -6.78
C PRO B 271 39.09 -8.22 -7.10
N PRO B 272 39.61 -9.02 -6.17
CA PRO B 272 40.86 -9.77 -6.41
C PRO B 272 40.70 -10.80 -7.53
N ALA B 273 41.73 -10.92 -8.37
CA ALA B 273 41.71 -11.94 -9.41
C ALA B 273 42.21 -13.29 -8.88
N ASP B 274 41.65 -13.72 -7.75
CA ASP B 274 42.13 -14.94 -7.09
C ASP B 274 41.39 -16.20 -7.53
N GLU B 275 40.76 -16.14 -8.70
CA GLU B 275 40.20 -17.33 -9.34
C GLU B 275 39.24 -18.15 -8.48
N GLY B 276 38.29 -17.48 -7.82
CA GLY B 276 37.26 -18.16 -7.08
C GLY B 276 37.41 -18.12 -5.57
N GLU B 277 38.55 -17.63 -5.09
CA GLU B 277 38.81 -17.67 -3.65
C GLU B 277 37.93 -16.65 -2.91
N THR B 278 37.89 -15.42 -3.39
CA THR B 278 37.04 -14.41 -2.75
C THR B 278 35.54 -14.72 -2.93
N ALA B 279 35.18 -15.24 -4.10
CA ALA B 279 33.82 -15.68 -4.35
C ALA B 279 33.41 -16.67 -3.27
N LEU B 280 34.32 -17.58 -2.94
CA LEU B 280 34.08 -18.63 -1.95
C LEU B 280 33.99 -18.08 -0.54
N ARG B 281 34.88 -17.15 -0.21
CA ARG B 281 34.80 -16.48 1.08
C ARG B 281 33.46 -15.74 1.24
N TRP B 282 33.02 -15.09 0.16
CA TRP B 282 31.77 -14.37 0.15
C TRP B 282 30.65 -15.39 0.34
N PHE B 283 30.70 -16.45 -0.46
CA PHE B 283 29.64 -17.45 -0.43
C PHE B 283 29.53 -18.10 0.95
N CYS B 284 30.66 -18.45 1.54
CA CYS B 284 30.62 -19.14 2.83
C CYS B 284 30.15 -18.23 3.94
N ALA B 285 30.62 -16.97 3.97
CA ALA B 285 30.11 -16.02 4.95
C ALA B 285 28.61 -15.79 4.82
N GLN B 286 28.13 -15.69 3.58
CA GLN B 286 26.72 -15.43 3.35
C GLN B 286 25.90 -16.63 3.75
N THR B 287 26.44 -17.82 3.47
CA THR B 287 25.74 -19.05 3.82
C THR B 287 25.55 -19.17 5.33
N GLN B 288 26.57 -18.77 6.09
CA GLN B 288 26.47 -18.79 7.54
C GLN B 288 25.41 -17.79 8.03
N ARG B 289 25.42 -16.58 7.46
CA ARG B 289 24.37 -15.60 7.78
C ARG B 289 22.97 -16.16 7.49
N LEU B 290 22.83 -16.82 6.36
CA LEU B 290 21.52 -17.34 5.98
C LEU B 290 21.07 -18.44 6.94
N GLU B 291 22.02 -19.24 7.45
CA GLU B 291 21.67 -20.29 8.41
C GLU B 291 21.25 -19.72 9.75
N GLN B 292 21.87 -18.62 10.17
CA GLN B 292 21.42 -17.91 11.36
C GLN B 292 19.98 -17.39 11.18
N LEU B 293 19.72 -16.79 10.02
CA LEU B 293 18.39 -16.25 9.74
C LEU B 293 17.36 -17.38 9.79
N ARG B 294 17.71 -18.53 9.24
CA ARG B 294 16.81 -19.69 9.25
C ARG B 294 16.48 -20.13 10.67
N GLY B 295 17.44 -20.05 11.57
CA GLY B 295 17.21 -20.41 12.96
C GLY B 295 16.15 -19.54 13.59
N VAL B 296 16.17 -18.26 13.26
CA VAL B 296 15.15 -17.33 13.74
C VAL B 296 13.79 -17.60 13.10
N GLU B 297 13.82 -17.87 11.80
CA GLU B 297 12.61 -18.11 11.04
C GLU B 297 11.86 -19.33 11.56
N GLU B 298 12.61 -20.36 11.90
CA GLU B 298 12.02 -21.58 12.43
C GLU B 298 11.29 -21.29 13.74
N LEU B 299 11.85 -20.39 14.53
CA LEU B 299 11.24 -19.98 15.80
C LEU B 299 9.97 -19.14 15.59
N LEU B 300 9.98 -18.29 14.58
CA LEU B 300 8.77 -17.52 14.26
C LEU B 300 7.64 -18.47 13.91
N ILE B 301 7.95 -19.52 13.17
CA ILE B 301 6.95 -20.52 12.78
C ILE B 301 6.45 -21.36 13.96
N VAL B 302 7.35 -21.71 14.89
CA VAL B 302 6.96 -22.39 16.12
C VAL B 302 6.00 -21.51 16.93
N ASP B 303 6.41 -20.26 17.15
CA ASP B 303 5.58 -19.29 17.88
C ASP B 303 4.21 -19.07 17.26
N LEU B 304 4.17 -19.03 15.93
CA LEU B 304 2.91 -18.83 15.24
C LEU B 304 1.99 -20.04 15.40
N LEU B 305 2.55 -21.24 15.24
CA LEU B 305 1.78 -22.45 15.44
C LEU B 305 1.26 -22.57 16.87
N ASN B 306 2.11 -22.30 17.85
CA ASN B 306 1.68 -22.35 19.24
C ASN B 306 0.60 -21.31 19.51
N ALA B 307 0.75 -20.13 18.94
CA ALA B 307 -0.23 -19.06 19.14
C ALA B 307 -1.58 -19.48 18.58
N ALA B 308 -1.56 -20.08 17.39
CA ALA B 308 -2.78 -20.57 16.78
C ALA B 308 -3.45 -21.61 17.67
N ASP B 309 -2.66 -22.45 18.32
CA ASP B 309 -3.17 -23.47 19.23
C ASP B 309 -3.94 -22.84 20.37
N ALA B 310 -3.32 -21.85 21.00
CA ALA B 310 -3.92 -21.15 22.13
C ALA B 310 -5.29 -20.58 21.76
N LEU B 311 -5.39 -19.97 20.58
CA LEU B 311 -6.63 -19.35 20.15
C LEU B 311 -7.75 -20.37 20.00
N LEU B 312 -7.38 -21.55 19.50
CA LEU B 312 -8.32 -22.65 19.34
C LEU B 312 -8.68 -23.23 20.70
N GLU B 313 -8.34 -22.50 21.76
CA GLU B 313 -8.79 -22.81 23.11
C GLU B 313 -9.60 -21.65 23.68
N GLY B 314 -10.85 -21.54 23.24
CA GLY B 314 -11.73 -20.45 23.62
C GLY B 314 -11.57 -20.01 25.07
N SER B 330 -13.72 3.33 21.92
CA SER B 330 -14.29 3.78 20.66
C SER B 330 -14.22 2.70 19.58
N ILE B 331 -15.33 2.56 18.86
CA ILE B 331 -15.47 1.52 17.84
C ILE B 331 -14.48 1.66 16.68
N ALA B 332 -14.11 2.89 16.35
CA ALA B 332 -13.12 3.13 15.30
C ALA B 332 -11.72 2.67 15.72
N LEU B 333 -11.37 2.98 16.96
CA LEU B 333 -10.08 2.54 17.51
C LEU B 333 -10.03 1.02 17.53
N ARG B 334 -11.12 0.41 17.97
CA ARG B 334 -11.24 -1.05 17.98
C ARG B 334 -11.16 -1.66 16.58
N LEU B 335 -11.70 -0.96 15.59
CA LEU B 335 -11.76 -1.49 14.22
C LEU B 335 -10.37 -1.62 13.60
N ASP B 336 -9.52 -0.62 13.79
CA ASP B 336 -8.15 -0.65 13.28
C ASP B 336 -7.33 -1.78 13.92
N LYS B 337 -7.50 -1.98 15.22
CA LYS B 337 -6.83 -3.06 15.94
C LYS B 337 -7.33 -4.42 15.46
N GLN B 338 -8.61 -4.49 15.10
CA GLN B 338 -9.21 -5.73 14.60
C GLN B 338 -8.82 -6.02 13.14
N LEU B 339 -8.90 -5.01 12.28
CA LEU B 339 -8.64 -5.21 10.84
C LEU B 339 -7.16 -5.06 10.44
N LEU B 340 -6.39 -4.31 11.22
CA LEU B 340 -4.96 -4.16 10.96
C LEU B 340 -4.71 -3.75 9.52
N PRO B 341 -5.31 -2.63 9.07
CA PRO B 341 -5.25 -2.25 7.66
C PRO B 341 -3.84 -1.88 7.22
N LEU B 342 -3.12 -1.13 8.05
CA LEU B 342 -1.79 -0.70 7.70
C LEU B 342 -0.79 -1.86 7.73
N VAL B 343 -1.01 -2.83 8.61
CA VAL B 343 -0.19 -4.03 8.63
C VAL B 343 -0.35 -4.83 7.35
N ARG B 344 -1.58 -5.03 6.93
CA ARG B 344 -1.81 -5.80 5.72
C ARG B 344 -1.32 -5.06 4.47
N GLN B 345 -1.40 -3.74 4.51
CA GLN B 345 -0.76 -2.93 3.48
C GLN B 345 0.75 -3.21 3.40
N GLN B 346 1.43 -3.19 4.54
CA GLN B 346 2.86 -3.50 4.58
C GLN B 346 3.18 -4.81 3.85
N ALA B 347 2.37 -5.82 4.07
CA ALA B 347 2.54 -7.10 3.39
C ALA B 347 2.45 -6.93 1.88
N HIS B 348 1.49 -6.10 1.44
CA HIS B 348 1.29 -5.89 0.02
C HIS B 348 2.44 -5.09 -0.58
N GLU B 349 2.93 -4.11 0.17
CA GLU B 349 4.07 -3.32 -0.26
C GLU B 349 5.34 -4.16 -0.46
N LEU B 350 5.63 -5.06 0.48
CA LEU B 350 6.83 -5.90 0.35
C LEU B 350 6.69 -6.82 -0.85
N GLN B 351 5.51 -7.42 -0.99
CA GLN B 351 5.21 -8.25 -2.15
C GLN B 351 5.41 -7.46 -3.45
N GLN B 352 4.96 -6.21 -3.45
CA GLN B 352 5.14 -5.35 -4.61
C GLN B 352 6.61 -5.01 -4.85
N LEU B 353 7.37 -4.72 -3.79
CA LEU B 353 8.80 -4.44 -3.91
C LEU B 353 9.49 -5.63 -4.57
N SER B 354 9.11 -6.83 -4.16
CA SER B 354 9.63 -8.06 -4.73
C SER B 354 9.31 -8.14 -6.23
N GLY B 355 8.08 -7.80 -6.59
CA GLY B 355 7.68 -7.78 -7.98
C GLY B 355 8.54 -6.86 -8.83
N GLN B 356 8.81 -5.66 -8.33
CA GLN B 356 9.56 -4.68 -9.09
C GLN B 356 11.01 -5.08 -9.34
N LEU B 357 11.65 -5.70 -8.35
CA LEU B 357 13.02 -6.18 -8.49
C LEU B 357 13.15 -7.27 -9.57
N ALA B 358 12.06 -7.96 -9.85
CA ALA B 358 12.05 -9.01 -10.87
C ALA B 358 11.56 -8.52 -12.22
N SER B 359 11.27 -7.22 -12.32
CA SER B 359 10.74 -6.65 -13.56
C SER B 359 11.77 -5.75 -14.21
N LEU B 360 12.08 -6.03 -15.48
CA LEU B 360 13.01 -5.20 -16.25
C LEU B 360 12.44 -3.83 -16.55
N LYS B 361 11.13 -3.79 -16.83
CA LYS B 361 10.42 -2.52 -17.01
C LYS B 361 10.64 -1.66 -15.79
N ASP B 362 10.36 -2.23 -14.62
CA ASP B 362 10.51 -1.50 -13.37
C ASP B 362 11.96 -1.14 -13.10
N ALA B 363 12.87 -2.07 -13.35
CA ALA B 363 14.28 -1.79 -13.09
C ALA B 363 14.80 -0.64 -13.96
N LEU B 364 14.35 -0.58 -15.20
CA LEU B 364 14.83 0.44 -16.13
C LEU B 364 14.16 1.77 -15.86
N GLU B 365 12.89 1.72 -15.48
CA GLU B 365 12.22 2.92 -14.99
C GLU B 365 13.01 3.56 -13.84
N GLU B 366 13.40 2.75 -12.86
CA GLU B 366 14.08 3.27 -11.68
C GLU B 366 15.46 3.78 -12.04
N ARG B 367 16.12 3.07 -12.95
CA ARG B 367 17.43 3.49 -13.41
C ARG B 367 17.38 4.84 -14.13
N LYS B 368 16.28 5.07 -14.82
CA LYS B 368 16.04 6.36 -15.47
C LYS B 368 16.07 7.48 -14.44
N LEU B 369 15.34 7.29 -13.34
CA LEU B 369 15.33 8.26 -12.23
C LEU B 369 16.71 8.48 -11.64
N ILE B 370 17.45 7.39 -11.47
CA ILE B 370 18.78 7.48 -10.88
C ILE B 370 19.75 8.22 -11.79
N GLU B 371 19.71 7.93 -13.10
CA GLU B 371 20.52 8.68 -14.05
C GLU B 371 20.18 10.18 -13.98
N LYS B 372 18.89 10.50 -14.03
CA LYS B 372 18.48 11.88 -13.82
C LYS B 372 19.11 12.49 -12.56
N ALA B 373 19.00 11.81 -11.43
CA ALA B 373 19.52 12.38 -10.18
C ALA B 373 21.04 12.56 -10.24
N LYS B 374 21.72 11.62 -10.88
CA LYS B 374 23.16 11.75 -11.10
C LYS B 374 23.50 13.02 -11.90
N SER B 375 22.71 13.30 -12.92
CA SER B 375 22.91 14.50 -13.74
C SER B 375 22.84 15.75 -12.89
N VAL B 376 21.84 15.81 -12.03
CA VAL B 376 21.66 16.94 -11.13
C VAL B 376 22.90 17.17 -10.29
N LEU B 377 23.50 16.08 -9.79
CA LEU B 377 24.69 16.19 -8.97
C LEU B 377 25.89 16.53 -9.85
N MET B 378 25.91 16.01 -11.06
CA MET B 378 26.98 16.31 -12.00
C MET B 378 26.97 17.79 -12.41
N THR B 379 25.77 18.33 -12.60
CA THR B 379 25.63 19.71 -13.04
C THR B 379 25.82 20.73 -11.92
N TYR B 380 25.00 20.62 -10.89
CA TYR B 380 24.94 21.65 -9.85
C TYR B 380 26.00 21.50 -8.79
N GLN B 381 26.73 20.40 -8.80
CA GLN B 381 27.67 20.11 -7.73
C GLN B 381 29.04 19.70 -8.28
N GLY B 382 29.14 19.62 -9.60
CA GLY B 382 30.40 19.32 -10.25
C GLY B 382 30.97 17.98 -9.83
N MET B 383 30.09 16.98 -9.70
CA MET B 383 30.54 15.63 -9.41
C MET B 383 30.80 14.89 -10.72
N GLN B 384 31.67 13.90 -10.65
CA GLN B 384 31.86 13.02 -11.80
C GLN B 384 30.84 11.89 -11.73
N GLU B 385 30.60 11.23 -12.85
CA GLU B 385 29.52 10.25 -12.93
C GLU B 385 29.56 9.22 -11.82
N GLU B 386 30.69 8.52 -11.70
CA GLU B 386 30.86 7.53 -10.65
C GLU B 386 30.71 8.17 -9.28
N GLN B 387 31.20 9.39 -9.13
CA GLN B 387 31.10 10.09 -7.85
C GLN B 387 29.64 10.43 -7.52
N ALA B 388 28.86 10.75 -8.54
CA ALA B 388 27.45 11.05 -8.35
C ALA B 388 26.73 9.78 -7.87
N TRP B 389 26.99 8.67 -8.55
CA TRP B 389 26.36 7.41 -8.20
C TRP B 389 26.71 7.00 -6.77
N GLN B 390 27.95 7.23 -6.37
CA GLN B 390 28.41 6.85 -5.03
C GLN B 390 27.75 7.72 -3.99
N ALA B 391 27.53 8.98 -4.33
CA ALA B 391 26.90 9.92 -3.41
C ALA B 391 25.46 9.48 -3.12
N LEU B 392 24.72 9.15 -4.18
CA LEU B 392 23.36 8.65 -4.04
C LEU B 392 23.32 7.35 -3.24
N ARG B 393 24.28 6.47 -3.51
CA ARG B 393 24.38 5.20 -2.80
C ARG B 393 24.64 5.42 -1.32
N LYS B 394 25.52 6.36 -1.02
CA LYS B 394 25.86 6.66 0.35
C LYS B 394 24.66 7.24 1.09
N MET B 395 23.94 8.17 0.46
CA MET B 395 22.71 8.69 1.07
C MET B 395 21.65 7.60 1.31
N ALA B 396 21.58 6.63 0.40
CA ALA B 396 20.63 5.53 0.56
C ALA B 396 20.94 4.71 1.80
N MET B 397 22.23 4.45 2.02
CA MET B 397 22.67 3.67 3.19
C MET B 397 22.33 4.42 4.46
N ASP B 398 22.72 5.69 4.50
CA ASP B 398 22.62 6.50 5.70
C ASP B 398 21.18 6.80 6.10
N LYS B 399 20.29 6.91 5.11
CA LYS B 399 18.88 7.16 5.37
C LYS B 399 18.06 5.87 5.38
N ASN B 400 18.72 4.74 5.11
CA ASN B 400 18.01 3.47 5.01
C ASN B 400 16.88 3.52 3.98
N GLN B 401 17.19 4.06 2.80
CA GLN B 401 16.23 4.05 1.71
C GLN B 401 16.90 3.43 0.49
N ARG B 402 16.11 2.98 -0.49
CA ARG B 402 16.66 2.52 -1.75
C ARG B 402 17.23 3.72 -2.50
N MET B 403 18.17 3.47 -3.41
CA MET B 403 18.75 4.52 -4.26
C MET B 403 17.70 5.26 -5.10
N VAL B 404 16.68 4.54 -5.59
CA VAL B 404 15.67 5.20 -6.41
C VAL B 404 14.82 6.14 -5.57
N GLU B 405 14.66 5.80 -4.29
CA GLU B 405 13.98 6.68 -3.34
C GLU B 405 14.78 7.96 -3.09
N ILE B 406 16.08 7.83 -2.89
CA ILE B 406 16.93 9.01 -2.80
C ILE B 406 16.80 9.85 -4.07
N ALA B 407 16.88 9.22 -5.22
CA ALA B 407 16.84 9.93 -6.49
C ALA B 407 15.52 10.65 -6.67
N ARG B 408 14.42 10.00 -6.34
CA ARG B 408 13.12 10.65 -6.48
C ARG B 408 13.07 11.86 -5.55
N ALA B 409 13.58 11.70 -4.34
CA ALA B 409 13.62 12.80 -3.37
C ALA B 409 14.38 14.01 -3.93
N LEU B 410 15.55 13.75 -4.48
CA LEU B 410 16.37 14.81 -5.08
C LEU B 410 15.63 15.51 -6.22
N LEU B 411 14.91 14.74 -7.03
CA LEU B 411 14.20 15.30 -8.16
C LEU B 411 12.96 16.09 -7.73
N THR B 412 12.39 15.79 -6.57
CA THR B 412 11.21 16.54 -6.18
C THR B 412 11.55 17.93 -5.64
N VAL B 413 12.74 18.09 -5.07
CA VAL B 413 13.12 19.38 -4.50
C VAL B 413 14.17 20.07 -5.34
N LYS B 414 14.21 19.74 -6.62
CA LYS B 414 15.28 20.27 -7.46
C LYS B 414 15.11 21.77 -7.72
N ALA B 415 13.94 22.31 -7.41
CA ALA B 415 13.77 23.76 -7.50
C ALA B 415 14.77 24.48 -6.59
N LEU B 416 15.24 23.80 -5.56
CA LEU B 416 16.20 24.38 -4.61
C LEU B 416 17.65 24.35 -5.09
N TRP B 417 17.89 23.76 -6.27
CA TRP B 417 19.25 23.64 -6.80
C TRP B 417 19.60 24.69 -7.85
C1 EDO C . -18.70 21.13 3.37
O1 EDO C . -20.01 20.61 3.23
C2 EDO C . -18.66 22.63 3.06
O2 EDO C . -19.38 23.45 3.99
C1 EDO D . -1.47 33.70 7.42
O1 EDO D . -2.41 33.79 6.34
C2 EDO D . -1.39 32.26 7.91
O2 EDO D . -2.54 31.91 8.68
C1 EDO E . -31.91 10.43 11.38
O1 EDO E . -32.41 9.79 10.19
C2 EDO E . -31.37 9.38 12.35
O2 EDO E . -31.29 9.96 13.68
C1 EDO F . 23.12 -18.69 -4.28
O1 EDO F . 24.41 -18.13 -4.38
C2 EDO F . 22.18 -17.77 -3.51
O2 EDO F . 20.98 -18.48 -3.24
C1 EDO G . 24.25 -0.21 -0.80
O1 EDO G . 25.30 0.76 -0.88
C2 EDO G . 23.04 0.45 -0.16
O2 EDO G . 22.67 1.66 -0.88
C1 EDO H . 32.48 -28.98 -1.72
O1 EDO H . 33.22 -28.89 -2.94
C2 EDO H . 32.26 -30.45 -1.37
O2 EDO H . 31.18 -30.99 -2.15
C1 EDO I . 38.92 -13.56 -10.86
O1 EDO I . 39.98 -14.43 -11.25
C2 EDO I . 38.25 -14.07 -9.59
O2 EDO I . 37.75 -15.41 -9.81
C1 EDO J . 28.16 5.19 -12.18
O1 EDO J . 29.24 4.78 -13.04
C2 EDO J . 26.81 4.77 -12.77
O2 EDO J . 26.81 3.37 -13.07
C1 EDO K . 38.08 -11.74 7.83
O1 EDO K . 38.40 -11.42 9.19
C2 EDO K . 37.15 -10.67 7.28
O2 EDO K . 37.53 -9.39 7.82
#